data_7NUD
#
_entry.id   7NUD
#
_cell.length_a   41.766
_cell.length_b   118.147
_cell.length_c   71.998
_cell.angle_alpha   90.000
_cell.angle_beta   104.320
_cell.angle_gamma   90.000
#
_symmetry.space_group_name_H-M   'P 1 21 1'
#
loop_
_entity.id
_entity.type
_entity.pdbx_description
1 polymer 'Protein arginine N-methyltransferase 6'
2 non-polymer 'methyl 6-[3-[[~{N}-[[(2~{R},3~{S},4~{R},5~{R})-5-(6-aminopurin-9-yl)-3,4-bis(oxidanyl)oxolan-2-yl]methyl]carbamimidoyl]amino]propylcarbamoylamino]-4-oxidanyl-naphthalene-2-carboxylate'
3 water water
#
_entity_poly.entity_id   1
_entity_poly.type   'polypeptide(L)'
_entity_poly.pdbx_seq_one_letter_code
;MSLSKKRKLESGDSGGAGAGGEGAEEENGGEQEAAPPRPRRTKSERDQLYYECYSDVSVHEEMIADQVRTEAYRLGILKN
WAALRGKTVLDVGAGTGILSIFCAQAGARRVYAVEASAIWQQAREVVRLNGLEDRVHVLPGPVETVELPERVDAIVSEWM
GYGLLHESMLSSVLHARTKWLKEGGLLLPASAELFVAPISDQMLEWRLGFWSQVKQHYGVDMSCMESFATRCLMGHSEIV
VQDLSGEDVLARPQRFAQLELARAGLEQELEAGVGGRFRCSCYGSAPLHGFAVWFQVTFPGGDSEKPLVLSTSPLHPATH
WKQALLYLNEPVPVEQDTDISGEITLLPSPDNPRRLRILLRYKVGDHEEKTKDFAMEDGSENLYFQ
;
_entity_poly.pdbx_strand_id   A,B
#
# COMPACT_ATOMS: atom_id res chain seq x y z
N THR A 42 -3.04 20.89 6.72
CA THR A 42 -3.26 22.25 6.21
C THR A 42 -2.99 22.31 4.71
N LYS A 43 -3.47 23.37 4.04
CA LYS A 43 -3.27 23.46 2.59
C LYS A 43 -1.79 23.60 2.25
N SER A 44 -1.03 24.31 3.08
CA SER A 44 0.41 24.41 2.86
C SER A 44 1.07 23.05 2.97
N GLU A 45 0.68 22.27 4.00
CA GLU A 45 1.24 20.94 4.19
C GLU A 45 0.84 20.02 3.04
N ARG A 46 -0.40 20.13 2.57
CA ARG A 46 -0.83 19.32 1.42
C ARG A 46 -0.01 19.66 0.18
N ASP A 47 0.12 20.96 -0.13
CA ASP A 47 0.91 21.34 -1.30
C ASP A 47 2.33 20.80 -1.21
N GLN A 48 2.92 20.86 -0.02
CA GLN A 48 4.28 20.35 0.13
C GLN A 48 4.31 18.85 -0.11
N LEU A 49 3.32 18.11 0.39
CA LEU A 49 3.31 16.66 0.20
C LEU A 49 3.16 16.28 -1.26
N TYR A 50 2.30 16.98 -2.01
CA TYR A 50 2.17 16.69 -3.44
C TYR A 50 3.46 17.03 -4.17
N TYR A 51 4.07 18.15 -3.83
CA TYR A 51 5.35 18.50 -4.44
C TYR A 51 6.40 17.43 -4.20
N GLU A 52 6.51 16.94 -2.95
CA GLU A 52 7.53 15.93 -2.65
C GLU A 52 7.23 14.63 -3.39
N CYS A 53 5.95 14.26 -3.46
CA CYS A 53 5.56 13.05 -4.18
C CYS A 53 5.97 13.13 -5.66
N TYR A 54 5.58 14.19 -6.34
CA TYR A 54 5.82 14.25 -7.77
C TYR A 54 7.23 14.74 -8.11
N SER A 55 8.00 15.16 -7.12
CA SER A 55 9.43 15.32 -7.31
C SER A 55 10.21 14.03 -7.15
N ASP A 56 9.54 12.93 -6.78
CA ASP A 56 10.18 11.64 -6.52
C ASP A 56 9.83 10.68 -7.66
N VAL A 57 10.68 9.68 -7.83
CA VAL A 57 10.60 8.84 -9.03
C VAL A 57 9.39 7.91 -9.03
N SER A 58 8.92 7.50 -7.86
CA SER A 58 8.03 6.34 -7.82
C SER A 58 6.71 6.58 -8.55
N VAL A 59 6.09 7.74 -8.35
CA VAL A 59 4.82 8.02 -9.01
C VAL A 59 4.98 8.10 -10.53
N HIS A 60 6.13 8.56 -11.00
CA HIS A 60 6.33 8.63 -12.44
C HIS A 60 6.61 7.26 -13.01
N GLU A 61 7.37 6.43 -12.29
CA GLU A 61 7.53 5.04 -12.69
C GLU A 61 6.18 4.35 -12.80
N GLU A 62 5.30 4.56 -11.81
CA GLU A 62 4.00 3.88 -11.86
C GLU A 62 3.20 4.34 -13.08
N MET A 63 3.21 5.64 -13.40
CA MET A 63 2.39 6.15 -14.50
C MET A 63 2.92 5.65 -15.83
N ILE A 64 4.24 5.68 -16.04
CA ILE A 64 4.79 5.25 -17.32
C ILE A 64 4.73 3.73 -17.45
N ALA A 65 4.77 3.01 -16.33
CA ALA A 65 4.65 1.57 -16.38
C ALA A 65 3.23 1.12 -16.62
N ASP A 66 2.26 2.04 -16.52
CA ASP A 66 0.86 1.78 -16.83
C ASP A 66 0.76 1.81 -18.35
N GLN A 67 0.94 0.64 -18.94
CA GLN A 67 0.96 0.53 -20.39
C GLN A 67 -0.37 0.91 -21.00
N VAL A 68 -1.48 0.49 -20.40
CA VAL A 68 -2.78 0.89 -20.93
C VAL A 68 -2.87 2.40 -21.06
N ARG A 69 -2.51 3.10 -19.98
CA ARG A 69 -2.56 4.56 -19.99
C ARG A 69 -1.59 5.15 -21.01
N THR A 70 -0.33 4.73 -20.96
CA THR A 70 0.68 5.44 -21.74
C THR A 70 0.54 5.14 -23.23
N GLU A 71 0.21 3.89 -23.58
CA GLU A 71 -0.09 3.55 -24.96
C GLU A 71 -1.32 4.31 -25.48
N ALA A 72 -2.35 4.46 -24.65
CA ALA A 72 -3.54 5.16 -25.11
C ALA A 72 -3.23 6.61 -25.45
N TYR A 73 -2.39 7.27 -24.64
CA TYR A 73 -2.03 8.64 -24.96
C TYR A 73 -1.13 8.72 -26.18
N ARG A 74 -0.19 7.79 -26.30
CA ARG A 74 0.63 7.77 -27.51
C ARG A 74 -0.23 7.63 -28.75
N LEU A 75 -1.17 6.70 -28.74
CA LEU A 75 -2.00 6.46 -29.92
C LEU A 75 -2.94 7.62 -30.18
N GLY A 76 -3.57 8.14 -29.11
CA GLY A 76 -4.50 9.24 -29.28
C GLY A 76 -3.82 10.49 -29.80
N ILE A 77 -2.56 10.68 -29.43
CA ILE A 77 -1.81 11.83 -29.92
C ILE A 77 -1.37 11.60 -31.37
N LEU A 78 -0.70 10.48 -31.61
CA LEU A 78 -0.17 10.24 -32.96
C LEU A 78 -1.29 10.06 -33.96
N LYS A 79 -2.45 9.59 -33.50
CA LYS A 79 -3.63 9.52 -34.35
C LYS A 79 -4.11 10.91 -34.77
N ASN A 80 -3.73 11.95 -34.05
CA ASN A 80 -4.15 13.32 -34.32
C ASN A 80 -3.08 14.11 -35.06
N TRP A 81 -2.21 13.42 -35.80
CA TRP A 81 -1.13 14.07 -36.53
C TRP A 81 -1.67 15.15 -37.47
N ALA A 82 -2.81 14.91 -38.12
CA ALA A 82 -3.31 15.90 -39.08
C ALA A 82 -3.63 17.21 -38.37
N ALA A 83 -4.11 17.12 -37.12
CA ALA A 83 -4.48 18.31 -36.37
C ALA A 83 -3.31 18.95 -35.63
N LEU A 84 -2.20 18.20 -35.47
CA LEU A 84 -1.06 18.67 -34.70
C LEU A 84 0.11 19.11 -35.57
N ARG A 85 0.14 18.66 -36.82
CA ARG A 85 1.20 19.00 -37.76
C ARG A 85 1.39 20.51 -37.87
N GLY A 86 2.58 20.97 -37.48
CA GLY A 86 2.93 22.37 -37.57
C GLY A 86 2.30 23.28 -36.56
N LYS A 87 1.64 22.74 -35.53
CA LYS A 87 0.91 23.52 -34.56
C LYS A 87 1.66 23.56 -33.22
N THR A 88 1.15 24.37 -32.30
CA THR A 88 1.73 24.49 -30.97
C THR A 88 0.85 23.80 -29.94
N VAL A 89 1.49 23.21 -28.94
CA VAL A 89 0.83 22.40 -27.95
C VAL A 89 1.30 22.86 -26.57
N LEU A 90 0.37 22.87 -25.61
CA LEU A 90 0.67 23.01 -24.20
C LEU A 90 0.37 21.68 -23.53
N ASP A 91 1.38 21.11 -22.87
CA ASP A 91 1.23 19.90 -22.05
C ASP A 91 1.11 20.35 -20.60
N VAL A 92 -0.08 20.16 -20.01
CA VAL A 92 -0.34 20.59 -18.65
C VAL A 92 0.08 19.47 -17.70
N GLY A 93 1.10 19.73 -16.92
CA GLY A 93 1.59 18.76 -15.95
C GLY A 93 2.36 17.68 -16.65
N ALA A 94 3.45 18.07 -17.28
CA ALA A 94 4.16 17.24 -18.23
C ALA A 94 5.04 16.18 -17.57
N GLY A 95 5.26 16.24 -16.27
CA GLY A 95 5.95 15.16 -15.60
C GLY A 95 7.36 15.01 -16.16
N THR A 96 7.69 13.81 -16.61
CA THR A 96 8.98 13.53 -17.23
C THR A 96 9.04 13.94 -18.69
N GLY A 97 7.95 14.45 -19.25
CA GLY A 97 7.93 14.98 -20.60
C GLY A 97 7.51 14.02 -21.70
N ILE A 98 7.14 12.79 -21.36
CA ILE A 98 6.98 11.79 -22.41
C ILE A 98 5.81 12.15 -23.32
N LEU A 99 4.73 12.73 -22.79
CA LEU A 99 3.61 13.06 -23.68
C LEU A 99 3.94 14.25 -24.57
N SER A 100 4.71 15.22 -24.05
CA SER A 100 5.15 16.32 -24.89
C SER A 100 6.00 15.81 -26.04
N ILE A 101 6.84 14.81 -25.79
CA ILE A 101 7.64 14.22 -26.84
C ILE A 101 6.76 13.49 -27.85
N PHE A 102 5.73 12.78 -27.39
CA PHE A 102 4.79 12.16 -28.33
C PHE A 102 4.20 13.22 -29.27
N CYS A 103 3.92 14.41 -28.74
CA CYS A 103 3.36 15.49 -29.56
C CYS A 103 4.36 15.95 -30.60
N ALA A 104 5.64 16.03 -30.21
CA ALA A 104 6.69 16.37 -31.17
C ALA A 104 6.81 15.30 -32.24
N GLN A 105 6.71 14.03 -31.83
CA GLN A 105 6.76 12.92 -32.76
C GLN A 105 5.55 12.91 -33.70
N ALA A 106 4.42 13.47 -33.27
CA ALA A 106 3.23 13.57 -34.11
C ALA A 106 3.32 14.74 -35.08
N GLY A 107 4.37 15.56 -34.96
CA GLY A 107 4.61 16.62 -35.91
C GLY A 107 4.37 18.02 -35.41
N ALA A 108 4.07 18.21 -34.12
CA ALA A 108 3.93 19.56 -33.57
C ALA A 108 5.20 20.37 -33.79
N ARG A 109 5.01 21.66 -34.09
CA ARG A 109 6.15 22.54 -34.29
C ARG A 109 6.76 23.00 -32.99
N ARG A 110 5.96 23.11 -31.93
CA ARG A 110 6.46 23.55 -30.63
C ARG A 110 5.56 23.00 -29.54
N VAL A 111 6.15 22.50 -28.47
CA VAL A 111 5.41 22.01 -27.31
C VAL A 111 5.93 22.69 -26.07
N TYR A 112 5.03 23.26 -25.29
CA TYR A 112 5.37 23.83 -24.00
C TYR A 112 4.97 22.82 -22.95
N ALA A 113 5.95 22.30 -22.22
CA ALA A 113 5.76 21.21 -21.27
C ALA A 113 5.87 21.79 -19.86
N VAL A 114 4.74 22.06 -19.23
CA VAL A 114 4.71 22.82 -17.98
C VAL A 114 4.55 21.84 -16.82
N GLU A 115 5.41 21.98 -15.83
CA GLU A 115 5.52 20.99 -14.74
C GLU A 115 5.91 21.69 -13.45
N ALA A 116 5.08 21.51 -12.42
CA ALA A 116 5.19 22.28 -11.17
C ALA A 116 6.24 21.70 -10.22
N SER A 117 6.41 20.39 -10.20
CA SER A 117 7.29 19.75 -9.24
C SER A 117 8.72 19.67 -9.76
N ALA A 118 9.63 19.19 -8.90
CA ALA A 118 11.04 19.23 -9.25
C ALA A 118 11.39 18.31 -10.43
N ILE A 119 10.49 17.39 -10.80
CA ILE A 119 10.68 16.52 -11.95
C ILE A 119 10.84 17.29 -13.26
N TRP A 120 10.50 18.59 -13.26
CA TRP A 120 10.76 19.37 -14.48
C TRP A 120 12.24 19.31 -14.88
N GLN A 121 13.15 19.21 -13.89
CA GLN A 121 14.57 19.13 -14.21
C GLN A 121 14.91 17.83 -14.93
N GLN A 122 14.27 16.73 -14.54
CA GLN A 122 14.45 15.48 -15.27
C GLN A 122 13.82 15.55 -16.65
N ALA A 123 12.65 16.18 -16.77
CA ALA A 123 12.04 16.36 -18.07
C ALA A 123 12.97 17.12 -19.00
N ARG A 124 13.60 18.18 -18.49
CA ARG A 124 14.54 18.94 -19.32
C ARG A 124 15.62 18.02 -19.85
N GLU A 125 16.14 17.11 -19.02
CA GLU A 125 17.20 16.22 -19.44
C GLU A 125 16.69 15.23 -20.47
N VAL A 126 15.50 14.68 -20.25
CA VAL A 126 14.92 13.73 -21.21
C VAL A 126 14.77 14.37 -22.58
N VAL A 127 14.22 15.58 -22.63
CA VAL A 127 13.97 16.24 -23.91
C VAL A 127 15.29 16.46 -24.62
N ARG A 128 16.29 16.92 -23.88
CA ARG A 128 17.67 17.17 -24.43
C ARG A 128 18.26 15.83 -24.91
N LEU A 129 18.06 14.74 -24.14
CA LEU A 129 18.60 13.44 -24.51
C LEU A 129 18.07 12.99 -25.87
N ASN A 130 16.81 13.32 -26.18
CA ASN A 130 16.13 12.92 -27.40
C ASN A 130 16.29 13.94 -28.52
N GLY A 131 17.11 14.96 -28.31
CA GLY A 131 17.36 15.94 -29.35
C GLY A 131 16.21 16.87 -29.66
N LEU A 132 15.33 17.13 -28.69
CA LEU A 132 14.07 17.81 -28.95
C LEU A 132 13.98 19.19 -28.28
N GLU A 133 15.05 19.71 -27.68
CA GLU A 133 14.85 20.90 -26.87
C GLU A 133 14.63 22.16 -27.72
N ASP A 134 14.86 22.10 -29.04
CA ASP A 134 14.48 23.20 -29.91
C ASP A 134 12.98 23.24 -30.18
N ARG A 135 12.30 22.11 -30.02
CA ARG A 135 10.86 22.03 -30.25
C ARG A 135 10.05 21.93 -28.98
N VAL A 136 10.56 21.23 -27.98
CA VAL A 136 9.85 20.96 -26.74
C VAL A 136 10.53 21.77 -25.67
N HIS A 137 9.79 22.67 -25.04
CA HIS A 137 10.29 23.61 -24.07
C HIS A 137 9.71 23.28 -22.70
N VAL A 138 10.53 22.69 -21.83
CA VAL A 138 10.10 22.38 -20.48
C VAL A 138 10.13 23.66 -19.67
N LEU A 139 9.00 23.99 -19.05
CA LEU A 139 8.86 25.22 -18.29
C LEU A 139 8.46 24.86 -16.87
N PRO A 140 9.19 25.27 -15.85
CA PRO A 140 8.80 24.95 -14.48
C PRO A 140 7.66 25.81 -13.98
N GLY A 141 6.94 25.26 -13.02
CA GLY A 141 5.97 26.01 -12.25
C GLY A 141 4.56 25.58 -12.55
N PRO A 142 3.61 26.10 -11.79
CA PRO A 142 2.20 25.80 -12.07
C PRO A 142 1.75 26.45 -13.36
N VAL A 143 0.89 25.73 -14.10
CA VAL A 143 0.38 26.30 -15.34
C VAL A 143 -0.40 27.58 -15.10
N GLU A 144 -0.91 27.75 -13.88
CA GLU A 144 -1.68 28.95 -13.57
C GLU A 144 -0.86 30.24 -13.61
N THR A 145 0.47 30.17 -13.46
CA THR A 145 1.28 31.37 -13.45
C THR A 145 2.38 31.37 -14.51
N VAL A 146 2.52 30.29 -15.28
CA VAL A 146 3.48 30.27 -16.37
C VAL A 146 3.11 31.34 -17.41
N GLU A 147 4.12 31.78 -18.16
CA GLU A 147 3.92 32.66 -19.30
C GLU A 147 4.39 31.98 -20.56
N LEU A 148 3.52 31.91 -21.56
CA LEU A 148 3.86 31.41 -22.89
C LEU A 148 3.93 32.56 -23.89
N PRO A 149 4.64 32.43 -25.03
CA PRO A 149 4.78 33.58 -25.92
C PRO A 149 3.49 33.84 -26.72
N GLU A 150 2.56 32.88 -26.77
CA GLU A 150 1.32 33.01 -27.59
C GLU A 150 0.26 31.99 -27.13
N ARG A 151 -1.02 32.22 -27.43
CA ARG A 151 -2.05 31.17 -27.21
C ARG A 151 -1.63 29.98 -28.08
N VAL A 152 -1.98 28.76 -27.69
CA VAL A 152 -1.58 27.54 -28.37
C VAL A 152 -2.74 26.92 -29.12
N ASP A 153 -2.41 26.01 -30.03
CA ASP A 153 -3.42 25.35 -30.86
C ASP A 153 -4.06 24.18 -30.15
N ALA A 154 -3.36 23.56 -29.19
CA ALA A 154 -3.86 22.35 -28.56
C ALA A 154 -3.32 22.25 -27.15
N ILE A 155 -4.12 21.61 -26.28
CA ILE A 155 -3.68 21.23 -24.94
C ILE A 155 -3.75 19.72 -24.86
N VAL A 156 -2.69 19.12 -24.30
CA VAL A 156 -2.66 17.70 -23.97
C VAL A 156 -2.42 17.59 -22.46
N SER A 157 -3.12 16.66 -21.81
CA SER A 157 -2.87 16.49 -20.39
C SER A 157 -3.39 15.13 -19.92
N GLU A 158 -2.61 14.49 -19.03
CA GLU A 158 -3.05 13.29 -18.29
C GLU A 158 -3.28 13.78 -16.86
N TRP A 159 -4.53 14.12 -16.55
CA TRP A 159 -4.87 14.89 -15.34
C TRP A 159 -5.70 14.10 -14.36
N MET A 160 -6.06 12.87 -14.69
CA MET A 160 -7.11 12.14 -13.99
C MET A 160 -6.59 11.56 -12.68
N GLY A 161 -7.45 11.59 -11.66
CA GLY A 161 -7.15 11.02 -10.37
C GLY A 161 -7.99 9.78 -10.12
N TYR A 162 -7.79 9.21 -8.94
CA TYR A 162 -8.66 8.12 -8.54
C TYR A 162 -10.10 8.58 -8.51
N GLY A 163 -11.01 7.68 -8.87
CA GLY A 163 -12.39 8.08 -9.02
C GLY A 163 -12.55 9.29 -9.91
N LEU A 164 -11.64 9.44 -10.87
CA LEU A 164 -11.54 10.58 -11.79
C LEU A 164 -11.14 11.88 -11.12
N LEU A 165 -11.85 12.30 -10.07
CA LEU A 165 -11.73 13.66 -9.57
C LEU A 165 -11.07 13.76 -8.19
N HIS A 166 -10.58 12.65 -7.64
CA HIS A 166 -9.80 12.73 -6.41
C HIS A 166 -8.40 13.25 -6.73
N GLU A 167 -8.06 14.42 -6.19
CA GLU A 167 -6.70 14.97 -6.36
C GLU A 167 -6.32 15.06 -7.82
N SER A 168 -7.29 15.38 -8.66
CA SER A 168 -7.02 15.53 -10.08
C SER A 168 -6.45 16.91 -10.40
N MET A 169 -5.91 17.01 -11.60
CA MET A 169 -5.46 18.27 -12.15
C MET A 169 -6.50 18.98 -13.00
N LEU A 170 -7.77 18.59 -12.93
CA LEU A 170 -8.72 19.11 -13.90
C LEU A 170 -8.83 20.62 -13.81
N SER A 171 -8.86 21.18 -12.60
CA SER A 171 -9.02 22.63 -12.49
C SER A 171 -7.87 23.37 -13.17
N SER A 172 -6.68 22.77 -13.15
CA SER A 172 -5.52 23.36 -13.81
C SER A 172 -5.66 23.29 -15.34
N VAL A 173 -6.18 22.17 -15.85
CA VAL A 173 -6.40 22.05 -17.29
C VAL A 173 -7.45 23.06 -17.73
N LEU A 174 -8.54 23.18 -16.98
CA LEU A 174 -9.56 24.16 -17.36
C LEU A 174 -9.03 25.59 -17.28
N HIS A 175 -8.14 25.87 -16.32
CA HIS A 175 -7.53 27.19 -16.22
C HIS A 175 -6.68 27.47 -17.45
N ALA A 176 -5.84 26.50 -17.82
CA ALA A 176 -5.02 26.61 -19.01
C ALA A 176 -5.87 26.78 -20.27
N ARG A 177 -6.97 26.02 -20.36
CA ARG A 177 -7.83 26.12 -21.54
C ARG A 177 -8.33 27.54 -21.73
N THR A 178 -8.85 28.15 -20.65
CA THR A 178 -9.38 29.49 -20.77
C THR A 178 -8.29 30.48 -21.12
N LYS A 179 -7.10 30.31 -20.52
CA LYS A 179 -6.07 31.33 -20.61
C LYS A 179 -5.18 31.18 -21.83
N TRP A 180 -4.90 29.96 -22.27
CA TRP A 180 -3.86 29.74 -23.27
C TRP A 180 -4.32 29.05 -24.54
N LEU A 181 -5.50 28.43 -24.56
CA LEU A 181 -5.94 27.73 -25.76
C LEU A 181 -6.59 28.71 -26.73
N LYS A 182 -6.22 28.63 -28.00
CA LYS A 182 -6.89 29.43 -29.02
C LYS A 182 -8.36 29.04 -29.14
N GLU A 183 -9.18 29.97 -29.61
CA GLU A 183 -10.57 29.64 -29.92
C GLU A 183 -10.64 28.49 -30.92
N GLY A 184 -11.49 27.50 -30.63
CA GLY A 184 -11.59 26.34 -31.50
C GLY A 184 -10.44 25.36 -31.40
N GLY A 185 -9.54 25.52 -30.43
CA GLY A 185 -8.40 24.65 -30.29
C GLY A 185 -8.76 23.25 -29.82
N LEU A 186 -7.76 22.38 -29.87
CA LEU A 186 -7.93 20.95 -29.63
C LEU A 186 -7.58 20.60 -28.19
N LEU A 187 -8.38 19.73 -27.60
CA LEU A 187 -8.16 19.22 -26.26
C LEU A 187 -7.95 17.71 -26.34
N LEU A 188 -6.84 17.23 -25.79
CA LEU A 188 -6.53 15.81 -25.83
C LEU A 188 -6.29 15.31 -24.41
N PRO A 189 -7.11 14.40 -23.88
CA PRO A 189 -8.41 13.95 -24.41
C PRO A 189 -9.43 15.08 -24.38
N ALA A 190 -10.57 14.87 -25.03
CA ALA A 190 -11.59 15.91 -25.16
C ALA A 190 -12.67 15.81 -24.10
N SER A 191 -12.83 14.64 -23.49
CA SER A 191 -13.95 14.41 -22.59
C SER A 191 -13.62 13.25 -21.66
N ALA A 192 -14.36 13.21 -20.55
CA ALA A 192 -14.31 12.13 -19.59
C ALA A 192 -15.74 11.64 -19.37
N GLU A 193 -15.88 10.34 -19.18
CA GLU A 193 -17.18 9.71 -18.94
C GLU A 193 -17.07 8.89 -17.66
N LEU A 194 -18.14 8.90 -16.86
CA LEU A 194 -18.19 8.19 -15.58
C LEU A 194 -19.21 7.06 -15.68
N PHE A 195 -18.84 5.90 -15.14
CA PHE A 195 -19.64 4.69 -15.18
C PHE A 195 -19.84 4.13 -13.78
N VAL A 196 -20.96 3.43 -13.60
CA VAL A 196 -21.24 2.74 -12.34
C VAL A 196 -21.83 1.36 -12.67
N ALA A 197 -21.58 0.43 -11.76
CA ALA A 197 -22.19 -0.87 -11.80
C ALA A 197 -22.31 -1.41 -10.39
N PRO A 198 -23.41 -2.09 -10.07
CA PRO A 198 -23.47 -2.81 -8.79
C PRO A 198 -22.49 -3.95 -8.81
N ILE A 199 -21.97 -4.32 -7.62
CA ILE A 199 -20.96 -5.36 -7.50
C ILE A 199 -21.26 -6.35 -6.38
N SER A 200 -20.83 -7.57 -6.61
CA SER A 200 -20.62 -8.59 -5.56
C SER A 200 -19.11 -8.85 -5.58
N ASP A 201 -18.37 -8.18 -4.69
CA ASP A 201 -16.92 -8.15 -4.68
C ASP A 201 -16.42 -9.46 -4.10
N GLN A 202 -15.79 -10.28 -4.94
CA GLN A 202 -15.37 -11.61 -4.50
C GLN A 202 -14.24 -11.52 -3.47
N MET A 203 -13.42 -10.49 -3.55
CA MET A 203 -12.40 -10.32 -2.52
C MET A 203 -13.05 -9.98 -1.18
N LEU A 204 -14.02 -9.06 -1.20
CA LEU A 204 -14.73 -8.73 0.03
C LEU A 204 -15.41 -9.96 0.62
N GLU A 205 -16.11 -10.73 -0.22
CA GLU A 205 -16.76 -11.92 0.31
C GLU A 205 -15.75 -12.85 0.97
N TRP A 206 -14.57 -12.98 0.38
CA TRP A 206 -13.53 -13.82 0.98
C TRP A 206 -13.11 -13.27 2.34
N ARG A 207 -12.99 -11.94 2.44
CA ARG A 207 -12.60 -11.34 3.71
C ARG A 207 -13.70 -11.51 4.75
N LEU A 208 -14.95 -11.37 4.34
CA LEU A 208 -16.08 -11.55 5.26
C LEU A 208 -16.21 -13.01 5.69
N GLY A 209 -15.93 -13.94 4.79
CA GLY A 209 -16.03 -15.35 5.10
C GLY A 209 -14.80 -15.95 5.75
N PHE A 210 -13.73 -15.16 5.88
CA PHE A 210 -12.48 -15.68 6.41
C PHE A 210 -12.66 -16.34 7.76
N TRP A 211 -13.49 -15.76 8.64
CA TRP A 211 -13.59 -16.20 10.03
C TRP A 211 -14.31 -17.53 10.13
N SER A 212 -15.25 -17.77 9.21
CA SER A 212 -15.93 -19.05 9.13
C SER A 212 -15.04 -20.15 8.58
N GLN A 213 -13.93 -19.79 7.96
CA GLN A 213 -12.97 -20.72 7.37
C GLN A 213 -11.81 -21.07 8.31
N VAL A 214 -11.64 -20.35 9.43
CA VAL A 214 -10.47 -20.61 10.26
C VAL A 214 -10.50 -22.04 10.80
N LYS A 215 -11.68 -22.54 11.19
CA LYS A 215 -11.72 -23.84 11.86
C LYS A 215 -11.17 -24.94 10.95
N GLN A 216 -11.44 -24.89 9.64
CA GLN A 216 -10.94 -25.94 8.77
C GLN A 216 -9.42 -25.95 8.72
N HIS A 217 -8.79 -24.79 8.88
CA HIS A 217 -7.33 -24.70 8.80
C HIS A 217 -6.66 -24.93 10.14
N TYR A 218 -7.25 -24.39 11.23
CA TYR A 218 -6.54 -24.35 12.51
C TYR A 218 -7.30 -24.94 13.69
N GLY A 219 -8.53 -25.42 13.49
CA GLY A 219 -9.23 -26.10 14.55
C GLY A 219 -9.93 -25.20 15.55
N VAL A 220 -9.99 -23.91 15.29
CA VAL A 220 -10.60 -22.95 16.21
C VAL A 220 -11.78 -22.33 15.46
N ASP A 221 -12.97 -22.42 16.04
CA ASP A 221 -14.17 -21.87 15.40
C ASP A 221 -14.22 -20.36 15.65
N MET A 222 -14.19 -19.57 14.58
CA MET A 222 -14.29 -18.12 14.72
C MET A 222 -15.45 -17.58 13.90
N SER A 223 -16.47 -18.40 13.67
CA SER A 223 -17.60 -17.99 12.86
C SER A 223 -18.31 -16.78 13.45
N CYS A 224 -18.31 -16.66 14.78
CA CYS A 224 -19.00 -15.59 15.48
C CYS A 224 -18.43 -14.20 15.17
N MET A 225 -17.31 -14.12 14.46
CA MET A 225 -16.75 -12.82 14.12
C MET A 225 -17.22 -12.28 12.78
N GLU A 226 -18.12 -12.99 12.09
CA GLU A 226 -18.54 -12.54 10.76
C GLU A 226 -19.23 -11.18 10.84
N SER A 227 -20.09 -10.99 11.84
CA SER A 227 -20.80 -9.71 12.01
C SER A 227 -19.82 -8.57 12.24
N PHE A 228 -18.90 -8.76 13.19
CA PHE A 228 -17.84 -7.80 13.43
C PHE A 228 -17.07 -7.47 12.15
N ALA A 229 -16.67 -8.50 11.41
CA ALA A 229 -15.91 -8.26 10.18
C ALA A 229 -16.73 -7.42 9.20
N THR A 230 -18.03 -7.66 9.15
CA THR A 230 -18.88 -6.91 8.22
C THR A 230 -18.99 -5.45 8.63
N ARG A 231 -19.23 -5.17 9.91
CA ARG A 231 -19.28 -3.78 10.36
C ARG A 231 -17.97 -3.08 10.02
N CYS A 232 -16.83 -3.75 10.27
CA CYS A 232 -15.55 -3.10 10.03
C CYS A 232 -15.32 -2.85 8.55
N LEU A 233 -15.62 -3.83 7.71
CA LEU A 233 -15.23 -3.79 6.32
C LEU A 233 -16.22 -3.04 5.45
N MET A 234 -17.49 -2.97 5.88
CA MET A 234 -18.54 -2.33 5.08
C MET A 234 -19.21 -1.15 5.78
N GLY A 235 -19.22 -1.09 7.10
CA GLY A 235 -19.96 -0.04 7.78
C GLY A 235 -19.33 1.33 7.76
N HIS A 236 -18.12 1.47 7.24
CA HIS A 236 -17.42 2.73 7.14
C HIS A 236 -17.95 3.57 5.98
N SER A 237 -17.48 4.80 5.88
CA SER A 237 -17.89 5.67 4.78
C SER A 237 -16.71 6.14 3.95
N GLU A 238 -15.75 5.25 3.73
CA GLU A 238 -14.57 5.56 2.93
C GLU A 238 -14.73 4.97 1.53
N ILE A 239 -14.33 5.73 0.52
CA ILE A 239 -14.17 5.18 -0.81
C ILE A 239 -12.98 4.24 -0.79
N VAL A 240 -13.16 3.03 -1.32
CA VAL A 240 -12.10 2.03 -1.37
C VAL A 240 -11.62 1.93 -2.81
N VAL A 241 -10.32 2.10 -3.01
CA VAL A 241 -9.74 1.96 -4.33
C VAL A 241 -9.16 0.57 -4.43
N GLN A 242 -9.71 -0.23 -5.33
CA GLN A 242 -9.34 -1.63 -5.45
C GLN A 242 -9.66 -2.09 -6.87
N ASP A 243 -8.86 -3.04 -7.33
CA ASP A 243 -9.07 -3.68 -8.61
C ASP A 243 -10.22 -4.67 -8.47
N LEU A 244 -11.20 -4.55 -9.34
CA LEU A 244 -12.24 -5.56 -9.51
C LEU A 244 -12.10 -6.27 -10.84
N SER A 245 -12.72 -7.43 -10.93
CA SER A 245 -12.75 -8.22 -12.15
C SER A 245 -14.15 -8.19 -12.75
N GLY A 246 -14.24 -8.57 -14.02
CA GLY A 246 -15.52 -8.61 -14.67
C GLY A 246 -16.53 -9.46 -13.93
N GLU A 247 -16.06 -10.52 -13.27
CA GLU A 247 -16.94 -11.43 -12.55
C GLU A 247 -17.63 -10.75 -11.37
N ASP A 248 -17.06 -9.66 -10.85
CA ASP A 248 -17.66 -8.95 -9.73
C ASP A 248 -18.84 -8.07 -10.17
N VAL A 249 -19.06 -7.90 -11.47
CA VAL A 249 -20.05 -6.95 -11.97
C VAL A 249 -21.41 -7.63 -11.98
N LEU A 250 -22.39 -7.02 -11.32
CA LEU A 250 -23.68 -7.67 -11.13
C LEU A 250 -24.77 -7.21 -12.10
N ALA A 251 -24.52 -6.21 -12.92
CA ALA A 251 -25.51 -5.71 -13.87
C ALA A 251 -24.75 -4.90 -14.91
N ARG A 252 -25.40 -4.69 -16.05
CA ARG A 252 -24.77 -3.94 -17.12
C ARG A 252 -24.28 -2.58 -16.61
N PRO A 253 -23.00 -2.24 -16.81
CA PRO A 253 -22.53 -0.91 -16.37
C PRO A 253 -23.31 0.20 -17.06
N GLN A 254 -23.51 1.29 -16.31
CA GLN A 254 -24.27 2.45 -16.75
C GLN A 254 -23.39 3.68 -16.76
N ARG A 255 -23.42 4.41 -17.88
CA ARG A 255 -22.79 5.73 -17.93
C ARG A 255 -23.70 6.74 -17.25
N PHE A 256 -23.20 7.42 -16.22
CA PHE A 256 -24.02 8.37 -15.50
C PHE A 256 -23.55 9.81 -15.59
N ALA A 257 -22.39 10.09 -16.19
CA ALA A 257 -22.04 11.48 -16.40
C ALA A 257 -21.02 11.60 -17.52
N GLN A 258 -20.99 12.77 -18.14
CA GLN A 258 -19.96 13.09 -19.11
C GLN A 258 -19.48 14.51 -18.90
N LEU A 259 -18.16 14.70 -18.96
CA LEU A 259 -17.53 16.01 -18.82
C LEU A 259 -16.87 16.37 -20.15
N GLU A 260 -17.35 17.44 -20.78
CA GLU A 260 -16.78 17.96 -22.02
C GLU A 260 -15.79 19.07 -21.67
N LEU A 261 -14.50 18.82 -21.86
CA LEU A 261 -13.51 19.72 -21.30
C LEU A 261 -13.58 21.11 -21.92
N ALA A 262 -14.10 21.23 -23.13
CA ALA A 262 -14.14 22.53 -23.80
C ALA A 262 -15.24 23.44 -23.25
N ARG A 263 -16.17 22.94 -22.46
CA ARG A 263 -17.28 23.77 -21.99
C ARG A 263 -16.81 24.79 -20.97
N ALA A 264 -16.64 26.04 -21.39
CA ALA A 264 -16.40 27.14 -20.45
C ALA A 264 -17.60 27.23 -19.50
N GLY A 265 -17.46 26.72 -18.28
CA GLY A 265 -18.59 26.62 -17.38
C GLY A 265 -18.57 25.30 -16.64
N LEU A 266 -17.75 24.37 -17.14
CA LEU A 266 -17.54 23.12 -16.43
C LEU A 266 -17.00 23.38 -15.03
N GLU A 267 -16.28 24.48 -14.84
CA GLU A 267 -15.72 24.78 -13.53
C GLU A 267 -16.82 24.94 -12.48
N GLN A 268 -17.90 25.65 -12.83
CA GLN A 268 -19.02 25.83 -11.91
C GLN A 268 -19.69 24.52 -11.59
N GLU A 269 -19.76 23.62 -12.57
CA GLU A 269 -20.36 22.32 -12.35
C GLU A 269 -19.55 21.49 -11.38
N LEU A 270 -18.24 21.72 -11.31
CA LEU A 270 -17.42 20.89 -10.44
C LEU A 270 -17.70 21.19 -8.97
N GLU A 271 -17.85 22.47 -8.60
CA GLU A 271 -18.15 22.76 -7.20
C GLU A 271 -19.52 22.25 -6.81
N ALA A 272 -20.49 22.34 -7.72
CA ALA A 272 -21.85 21.91 -7.43
C ALA A 272 -22.03 20.41 -7.47
N GLY A 273 -21.11 19.69 -8.10
CA GLY A 273 -21.22 18.24 -8.14
C GLY A 273 -21.41 17.72 -9.54
N VAL A 274 -20.59 16.72 -9.90
CA VAL A 274 -20.65 16.02 -11.18
C VAL A 274 -21.27 14.67 -10.94
N GLY A 275 -22.32 14.34 -11.70
CA GLY A 275 -22.93 13.05 -11.47
C GLY A 275 -24.19 12.89 -12.30
N GLY A 276 -24.99 11.92 -11.89
CA GLY A 276 -26.23 11.66 -12.59
C GLY A 276 -26.84 10.39 -12.10
N ARG A 277 -27.93 10.03 -12.77
CA ARG A 277 -28.81 8.97 -12.33
C ARG A 277 -28.62 7.72 -13.18
N PHE A 278 -29.02 6.59 -12.59
CA PHE A 278 -28.80 5.29 -13.27
C PHE A 278 -29.89 4.30 -12.88
N ARG A 279 -30.07 3.28 -13.69
CA ARG A 279 -30.98 2.18 -13.39
C ARG A 279 -30.35 0.98 -14.06
N CYS A 280 -30.33 -0.18 -13.42
CA CYS A 280 -29.82 -1.40 -14.04
C CYS A 280 -30.66 -2.58 -13.52
N SER A 281 -30.51 -3.72 -14.14
CA SER A 281 -31.20 -4.94 -13.75
C SER A 281 -30.18 -6.05 -13.48
N CYS A 282 -30.30 -6.69 -12.33
CA CYS A 282 -29.27 -7.63 -11.89
C CYS A 282 -29.27 -8.88 -12.75
N TYR A 283 -28.07 -9.35 -13.05
CA TYR A 283 -27.88 -10.54 -13.89
C TYR A 283 -28.37 -11.80 -13.19
N GLY A 284 -28.15 -11.89 -11.88
CA GLY A 284 -28.41 -13.13 -11.19
C GLY A 284 -28.46 -12.92 -9.70
N SER A 285 -28.62 -14.03 -8.98
CA SER A 285 -28.54 -14.02 -7.52
C SER A 285 -27.11 -13.79 -7.11
N ALA A 286 -26.93 -13.03 -6.05
CA ALA A 286 -25.60 -12.63 -5.57
C ALA A 286 -25.85 -11.74 -4.36
N PRO A 287 -24.91 -11.68 -3.41
CA PRO A 287 -24.98 -10.60 -2.41
C PRO A 287 -24.53 -9.30 -3.04
N LEU A 288 -25.40 -8.29 -3.02
CA LEU A 288 -25.01 -6.95 -3.47
C LEU A 288 -24.15 -6.30 -2.38
N HIS A 289 -22.92 -5.90 -2.73
CA HIS A 289 -22.06 -5.26 -1.75
C HIS A 289 -22.02 -3.74 -1.90
N GLY A 290 -22.52 -3.21 -3.01
CA GLY A 290 -22.35 -1.81 -3.29
C GLY A 290 -22.15 -1.58 -4.77
N PHE A 291 -21.36 -0.54 -5.09
CA PHE A 291 -21.20 -0.06 -6.44
C PHE A 291 -19.72 0.21 -6.69
N ALA A 292 -19.34 -0.01 -7.95
CA ALA A 292 -18.03 0.37 -8.46
C ALA A 292 -18.22 1.57 -9.40
N VAL A 293 -17.36 2.56 -9.25
CA VAL A 293 -17.35 3.74 -10.11
C VAL A 293 -16.01 3.77 -10.82
N TRP A 294 -16.04 4.00 -12.12
CA TRP A 294 -14.82 4.17 -12.90
C TRP A 294 -15.05 5.20 -14.00
N PHE A 295 -13.98 5.48 -14.74
CA PHE A 295 -14.06 6.49 -15.79
C PHE A 295 -13.39 6.02 -17.06
N GLN A 296 -13.62 6.79 -18.12
CA GLN A 296 -12.85 6.68 -19.34
C GLN A 296 -12.63 8.10 -19.84
N VAL A 297 -11.61 8.28 -20.65
CA VAL A 297 -11.46 9.53 -21.37
C VAL A 297 -11.45 9.20 -22.85
N THR A 298 -11.95 10.13 -23.65
CA THR A 298 -12.09 9.94 -25.08
C THR A 298 -11.27 11.00 -25.79
N PHE A 299 -10.51 10.56 -26.80
CA PHE A 299 -9.69 11.47 -27.58
C PHE A 299 -10.42 11.91 -28.84
N PRO A 300 -10.16 13.15 -29.25
CA PRO A 300 -10.67 13.64 -30.53
C PRO A 300 -10.01 12.91 -31.68
N GLY A 301 -10.53 13.17 -32.87
CA GLY A 301 -9.94 12.63 -34.08
C GLY A 301 -10.23 11.16 -34.30
N GLY A 302 -9.65 10.64 -35.37
CA GLY A 302 -9.93 9.27 -35.75
C GLY A 302 -11.31 9.15 -36.37
N ASP A 303 -11.90 7.96 -36.19
CA ASP A 303 -13.25 7.69 -36.69
C ASP A 303 -14.25 8.53 -35.89
N SER A 304 -14.96 9.42 -36.60
CA SER A 304 -15.94 10.29 -35.95
C SER A 304 -16.93 9.53 -35.08
N GLU A 305 -17.18 8.25 -35.40
CA GLU A 305 -18.17 7.47 -34.70
C GLU A 305 -17.55 6.42 -33.78
N LYS A 306 -16.24 6.26 -33.81
CA LYS A 306 -15.55 5.22 -33.04
C LYS A 306 -14.25 5.80 -32.50
N PRO A 307 -14.35 6.77 -31.60
CA PRO A 307 -13.13 7.44 -31.11
C PRO A 307 -12.32 6.52 -30.21
N LEU A 308 -11.04 6.85 -30.10
CA LEU A 308 -10.16 6.13 -29.20
C LEU A 308 -10.47 6.50 -27.75
N VAL A 309 -10.53 5.47 -26.89
CA VAL A 309 -10.96 5.61 -25.50
C VAL A 309 -9.90 4.96 -24.60
N LEU A 310 -9.57 5.62 -23.49
CA LEU A 310 -8.77 5.05 -22.41
C LEU A 310 -9.73 4.73 -21.29
N SER A 311 -9.93 3.46 -20.99
CA SER A 311 -10.94 3.01 -20.04
C SER A 311 -10.30 2.42 -18.80
N THR A 312 -10.95 2.63 -17.65
CA THR A 312 -10.55 2.00 -16.40
C THR A 312 -11.61 1.00 -15.90
N SER A 313 -12.46 0.55 -16.81
CA SER A 313 -13.48 -0.42 -16.46
C SER A 313 -12.89 -1.72 -15.92
N PRO A 314 -13.56 -2.37 -14.95
CA PRO A 314 -13.11 -3.70 -14.52
C PRO A 314 -13.24 -4.74 -15.61
N LEU A 315 -14.02 -4.47 -16.66
CA LEU A 315 -14.17 -5.37 -17.80
C LEU A 315 -13.02 -5.23 -18.78
N HIS A 316 -12.16 -4.25 -18.60
CA HIS A 316 -11.07 -3.97 -19.51
C HIS A 316 -9.72 -4.16 -18.81
N PRO A 317 -8.61 -4.14 -19.56
CA PRO A 317 -7.31 -4.37 -18.92
C PRO A 317 -7.07 -3.40 -17.77
N ALA A 318 -6.39 -3.91 -16.75
CA ALA A 318 -6.17 -3.17 -15.52
C ALA A 318 -5.32 -1.92 -15.78
N THR A 319 -5.59 -0.89 -14.99
CA THR A 319 -4.80 0.33 -14.95
C THR A 319 -4.42 0.64 -13.51
N HIS A 320 -3.51 1.59 -13.33
CA HIS A 320 -3.12 1.97 -11.98
C HIS A 320 -4.22 2.69 -11.23
N TRP A 321 -5.27 3.16 -11.92
CA TRP A 321 -6.38 3.84 -11.26
C TRP A 321 -7.37 2.88 -10.62
N LYS A 322 -7.34 1.61 -11.02
CA LYS A 322 -8.20 0.56 -10.43
C LYS A 322 -9.65 1.02 -10.59
N GLN A 323 -10.50 0.81 -9.58
CA GLN A 323 -11.85 1.37 -9.55
C GLN A 323 -12.12 1.93 -8.17
N ALA A 324 -13.12 2.79 -8.07
CA ALA A 324 -13.55 3.34 -6.78
C ALA A 324 -14.76 2.56 -6.29
N LEU A 325 -14.65 1.89 -5.14
CA LEU A 325 -15.70 1.02 -4.63
C LEU A 325 -16.46 1.69 -3.48
N LEU A 326 -17.79 1.59 -3.54
CA LEU A 326 -18.73 2.22 -2.61
C LEU A 326 -19.51 1.09 -1.96
N TYR A 327 -19.12 0.71 -0.75
CA TYR A 327 -19.78 -0.41 -0.08
C TYR A 327 -21.01 0.05 0.69
N LEU A 328 -22.08 -0.72 0.57
CA LEU A 328 -23.21 -0.52 1.45
C LEU A 328 -22.81 -0.95 2.87
N ASN A 329 -23.65 -0.61 3.84
CA ASN A 329 -23.35 -0.93 5.25
C ASN A 329 -23.28 -2.44 5.50
N GLU A 330 -24.05 -3.21 4.75
CA GLU A 330 -24.00 -4.66 4.82
C GLU A 330 -24.50 -5.23 3.50
N PRO A 331 -24.24 -6.50 3.22
CA PRO A 331 -24.70 -7.06 1.94
C PRO A 331 -26.23 -7.11 1.87
N VAL A 332 -26.73 -6.94 0.66
CA VAL A 332 -28.16 -6.96 0.39
C VAL A 332 -28.43 -8.10 -0.58
N PRO A 333 -29.23 -9.11 -0.22
CA PRO A 333 -29.55 -10.15 -1.21
C PRO A 333 -30.35 -9.59 -2.38
N VAL A 334 -29.96 -9.98 -3.60
CA VAL A 334 -30.70 -9.62 -4.80
C VAL A 334 -30.89 -10.85 -5.66
N GLU A 335 -31.82 -10.74 -6.61
CA GLU A 335 -32.20 -11.81 -7.50
C GLU A 335 -31.98 -11.37 -8.94
N GLN A 336 -32.00 -12.35 -9.85
CA GLN A 336 -32.08 -12.02 -11.27
C GLN A 336 -33.18 -11.00 -11.48
N ASP A 337 -32.87 -9.96 -12.26
CA ASP A 337 -33.82 -8.92 -12.67
C ASP A 337 -34.26 -8.01 -11.53
N THR A 338 -33.66 -8.14 -10.35
CA THR A 338 -33.84 -7.11 -9.33
C THR A 338 -33.41 -5.76 -9.91
N ASP A 339 -34.28 -4.75 -9.81
CA ASP A 339 -33.93 -3.42 -10.29
C ASP A 339 -33.18 -2.63 -9.21
N ILE A 340 -32.13 -1.94 -9.64
CA ILE A 340 -31.33 -1.07 -8.79
C ILE A 340 -31.24 0.26 -9.52
N SER A 341 -31.59 1.33 -8.81
CA SER A 341 -31.58 2.66 -9.40
C SER A 341 -31.02 3.62 -8.38
N GLY A 342 -30.65 4.82 -8.84
CA GLY A 342 -30.17 5.80 -7.89
C GLY A 342 -29.49 6.97 -8.57
N GLU A 343 -28.70 7.66 -7.78
CA GLU A 343 -28.00 8.85 -8.23
C GLU A 343 -26.66 8.90 -7.52
N ILE A 344 -25.63 9.28 -8.27
CA ILE A 344 -24.27 9.37 -7.76
C ILE A 344 -23.72 10.74 -8.11
N THR A 345 -23.17 11.42 -7.10
CA THR A 345 -22.62 12.76 -7.28
C THR A 345 -21.21 12.80 -6.73
N LEU A 346 -20.27 13.22 -7.57
CA LEU A 346 -18.89 13.43 -7.17
C LEU A 346 -18.71 14.90 -6.80
N LEU A 347 -18.27 15.14 -5.56
CA LEU A 347 -18.29 16.46 -4.96
C LEU A 347 -16.92 16.76 -4.36
N PRO A 348 -16.58 18.03 -4.21
CA PRO A 348 -15.40 18.38 -3.41
C PRO A 348 -15.70 18.20 -1.93
N SER A 349 -14.68 17.81 -1.19
CA SER A 349 -14.80 17.77 0.27
C SER A 349 -14.80 19.19 0.81
N PRO A 350 -15.65 19.49 1.80
CA PRO A 350 -15.74 20.90 2.25
C PRO A 350 -14.43 21.46 2.76
N ASP A 351 -13.61 20.64 3.40
CA ASP A 351 -12.36 21.10 4.00
C ASP A 351 -11.16 20.86 3.09
N ASN A 352 -11.36 20.32 1.90
CA ASN A 352 -10.30 20.13 0.92
C ASN A 352 -10.96 19.94 -0.44
N PRO A 353 -11.03 20.98 -1.29
CA PRO A 353 -11.75 20.86 -2.56
C PRO A 353 -11.32 19.68 -3.42
N ARG A 354 -10.11 19.19 -3.17
CA ARG A 354 -9.49 18.15 -3.97
C ARG A 354 -9.69 16.75 -3.41
N ARG A 355 -10.22 16.62 -2.19
CA ARG A 355 -10.52 15.33 -1.60
C ARG A 355 -11.90 14.93 -2.10
N LEU A 356 -11.99 13.79 -2.78
CA LEU A 356 -13.24 13.42 -3.41
C LEU A 356 -14.24 12.93 -2.38
N ARG A 357 -15.46 13.44 -2.50
CA ARG A 357 -16.63 12.99 -1.76
C ARG A 357 -17.63 12.46 -2.78
N ILE A 358 -18.27 11.35 -2.46
CA ILE A 358 -19.31 10.82 -3.34
C ILE A 358 -20.57 10.63 -2.53
N LEU A 359 -21.66 11.24 -3.01
CA LEU A 359 -22.97 11.06 -2.43
C LEU A 359 -23.72 10.02 -3.26
N LEU A 360 -24.15 8.95 -2.60
CA LEU A 360 -24.84 7.83 -3.22
C LEU A 360 -26.26 7.81 -2.69
N ARG A 361 -27.22 7.85 -3.60
CA ARG A 361 -28.64 7.61 -3.31
C ARG A 361 -29.03 6.39 -4.11
N TYR A 362 -29.65 5.41 -3.47
CA TYR A 362 -29.88 4.16 -4.18
C TYR A 362 -31.14 3.47 -3.67
N LYS A 363 -31.71 2.65 -4.55
CA LYS A 363 -32.95 1.92 -4.25
C LYS A 363 -32.80 0.54 -4.84
N VAL A 364 -32.94 -0.48 -4.01
CA VAL A 364 -32.78 -1.87 -4.41
C VAL A 364 -34.14 -2.51 -4.34
N GLY A 365 -34.70 -2.83 -5.51
CA GLY A 365 -35.97 -3.55 -5.53
C GLY A 365 -37.07 -2.71 -4.92
N ASP A 366 -37.90 -3.33 -4.08
CA ASP A 366 -38.93 -2.57 -3.38
C ASP A 366 -38.47 -2.06 -2.02
N HIS A 367 -37.18 -2.21 -1.67
CA HIS A 367 -36.62 -1.65 -0.42
C HIS A 367 -36.80 -0.13 -0.46
N GLU A 368 -36.81 0.54 0.68
CA GLU A 368 -36.89 2.02 0.74
C GLU A 368 -35.61 2.57 0.09
N GLU A 369 -35.68 3.75 -0.54
CA GLU A 369 -34.47 4.43 -1.07
C GLU A 369 -33.56 4.71 0.13
N LYS A 370 -32.23 4.57 -0.01
CA LYS A 370 -31.27 4.83 1.05
C LYS A 370 -30.19 5.76 0.50
N THR A 371 -29.43 6.38 1.39
CA THR A 371 -28.30 7.22 1.01
C THR A 371 -27.08 6.83 1.85
N LYS A 372 -25.89 7.03 1.26
CA LYS A 372 -24.64 6.84 1.97
C LYS A 372 -23.67 7.85 1.38
N ASP A 373 -22.92 8.52 2.27
CA ASP A 373 -22.02 9.60 1.90
C ASP A 373 -20.59 9.12 2.12
N PHE A 374 -19.81 9.07 1.04
CA PHE A 374 -18.46 8.52 1.09
C PHE A 374 -17.43 9.62 0.90
N ALA A 375 -16.22 9.36 1.39
CA ALA A 375 -15.12 10.26 1.11
C ALA A 375 -13.82 9.47 1.00
N MET A 376 -12.92 9.95 0.16
CA MET A 376 -11.66 9.26 -0.06
C MET A 376 -10.79 9.40 1.19
N TYR B 51 -4.81 1.13 19.10
CA TYR B 51 -6.10 0.70 19.66
C TYR B 51 -7.19 0.62 18.58
N GLU B 52 -7.50 1.74 17.93
CA GLU B 52 -8.39 1.68 16.78
C GLU B 52 -7.90 0.64 15.78
N CYS B 53 -6.58 0.46 15.69
CA CYS B 53 -6.03 -0.56 14.81
C CYS B 53 -6.45 -1.96 15.25
N TYR B 54 -6.03 -2.37 16.44
CA TYR B 54 -6.31 -3.71 16.93
C TYR B 54 -7.73 -3.88 17.42
N SER B 55 -8.53 -2.81 17.42
CA SER B 55 -9.96 -2.93 17.58
C SER B 55 -10.67 -3.28 16.28
N ASP B 56 -9.94 -3.26 15.15
CA ASP B 56 -10.49 -3.47 13.82
C ASP B 56 -10.04 -4.82 13.30
N VAL B 57 -10.84 -5.43 12.42
CA VAL B 57 -10.62 -6.83 12.07
C VAL B 57 -9.37 -6.99 11.22
N SER B 58 -9.01 -5.97 10.45
CA SER B 58 -8.04 -6.17 9.37
C SER B 58 -6.69 -6.64 9.90
N VAL B 59 -6.21 -6.06 11.00
CA VAL B 59 -4.89 -6.45 11.47
C VAL B 59 -4.91 -7.90 11.94
N HIS B 60 -6.02 -8.33 12.51
CA HIS B 60 -6.12 -9.71 13.00
C HIS B 60 -6.27 -10.70 11.85
N GLU B 61 -7.06 -10.36 10.84
CA GLU B 61 -7.08 -11.18 9.63
C GLU B 61 -5.69 -11.32 9.02
N GLU B 62 -4.94 -10.21 8.91
CA GLU B 62 -3.62 -10.29 8.29
C GLU B 62 -2.71 -11.23 9.07
N MET B 63 -2.74 -11.11 10.40
CA MET B 63 -1.90 -11.95 11.26
C MET B 63 -2.25 -13.43 11.08
N ILE B 64 -3.55 -13.76 11.18
CA ILE B 64 -3.93 -15.17 11.08
C ILE B 64 -3.71 -15.70 9.68
N ALA B 65 -3.89 -14.85 8.66
CA ALA B 65 -3.69 -15.27 7.28
C ALA B 65 -2.22 -15.43 6.92
N ASP B 66 -1.30 -14.96 7.77
CA ASP B 66 0.12 -15.28 7.64
C ASP B 66 0.32 -16.72 8.08
N GLN B 67 0.25 -17.65 7.12
CA GLN B 67 0.22 -19.07 7.46
C GLN B 67 1.52 -19.50 8.14
N VAL B 68 2.66 -18.98 7.67
CA VAL B 68 3.92 -19.35 8.29
C VAL B 68 3.92 -18.98 9.76
N ARG B 69 3.52 -17.75 10.07
CA ARG B 69 3.47 -17.27 11.43
C ARG B 69 2.52 -18.12 12.27
N THR B 70 1.28 -18.25 11.80
CA THR B 70 0.26 -18.89 12.62
C THR B 70 0.51 -20.38 12.80
N GLU B 71 0.95 -21.07 11.75
CA GLU B 71 1.29 -22.48 11.91
C GLU B 71 2.50 -22.66 12.83
N ALA B 72 3.46 -21.72 12.80
CA ALA B 72 4.63 -21.87 13.65
C ALA B 72 4.28 -21.69 15.11
N TYR B 73 3.45 -20.70 15.43
CA TYR B 73 2.95 -20.53 16.79
C TYR B 73 2.13 -21.74 17.20
N ARG B 74 1.25 -22.20 16.32
CA ARG B 74 0.44 -23.37 16.62
C ARG B 74 1.31 -24.55 17.03
N LEU B 75 2.31 -24.90 16.20
CA LEU B 75 3.19 -26.01 16.49
C LEU B 75 4.08 -25.74 17.68
N GLY B 76 4.58 -24.50 17.81
CA GLY B 76 5.40 -24.17 18.96
C GLY B 76 4.68 -24.44 20.26
N ILE B 77 3.37 -24.24 20.26
CA ILE B 77 2.57 -24.48 21.47
C ILE B 77 2.25 -25.97 21.59
N LEU B 78 1.72 -26.56 20.52
CA LEU B 78 1.23 -27.93 20.58
C LEU B 78 2.37 -28.92 20.84
N LYS B 79 3.57 -28.62 20.32
CA LYS B 79 4.75 -29.45 20.59
C LYS B 79 5.24 -29.34 22.02
N ASN B 80 4.79 -28.34 22.77
CA ASN B 80 5.13 -28.21 24.18
C ASN B 80 4.04 -28.77 25.08
N TRP B 81 3.24 -29.73 24.56
CA TRP B 81 2.16 -30.30 25.37
C TRP B 81 2.69 -30.91 26.66
N ALA B 82 3.87 -31.54 26.64
CA ALA B 82 4.39 -32.17 27.85
C ALA B 82 4.63 -31.12 28.93
N ALA B 83 5.11 -29.93 28.54
CA ALA B 83 5.39 -28.88 29.52
C ALA B 83 4.16 -28.04 29.85
N LEU B 84 3.11 -28.06 29.02
CA LEU B 84 1.92 -27.28 29.32
C LEU B 84 0.83 -28.07 30.00
N ARG B 85 0.86 -29.39 29.90
CA ARG B 85 -0.17 -30.25 30.48
C ARG B 85 -0.39 -29.92 31.95
N GLY B 86 -1.63 -29.55 32.26
CA GLY B 86 -2.03 -29.22 33.61
C GLY B 86 -1.44 -27.95 34.16
N LYS B 87 -0.87 -27.09 33.31
CA LYS B 87 -0.22 -25.85 33.70
C LYS B 87 -1.05 -24.65 33.30
N THR B 88 -0.72 -23.51 33.90
CA THR B 88 -1.45 -22.29 33.59
C THR B 88 -0.61 -21.39 32.68
N VAL B 89 -1.31 -20.60 31.87
CA VAL B 89 -0.71 -19.80 30.83
C VAL B 89 -1.31 -18.40 30.88
N LEU B 90 -0.47 -17.40 30.64
CA LEU B 90 -0.92 -16.03 30.38
C LEU B 90 -0.62 -15.74 28.91
N ASP B 91 -1.66 -15.40 28.14
CA ASP B 91 -1.53 -14.99 26.74
C ASP B 91 -1.50 -13.47 26.71
N VAL B 92 -0.33 -12.90 26.38
CA VAL B 92 -0.17 -11.46 26.46
C VAL B 92 -0.55 -10.83 25.13
N GLY B 93 -1.63 -10.05 25.14
CA GLY B 93 -2.17 -9.46 23.94
C GLY B 93 -2.87 -10.52 23.11
N ALA B 94 -3.95 -11.07 23.65
CA ALA B 94 -4.51 -12.29 23.10
C ALA B 94 -5.31 -12.09 21.83
N GLY B 95 -5.67 -10.85 21.50
CA GLY B 95 -6.32 -10.60 20.23
C GLY B 95 -7.64 -11.32 20.17
N THR B 96 -7.81 -12.14 19.12
CA THR B 96 -9.02 -12.91 18.93
C THR B 96 -9.07 -14.17 19.80
N GLY B 97 -7.98 -14.49 20.49
CA GLY B 97 -7.96 -15.64 21.38
C GLY B 97 -7.42 -16.92 20.76
N ILE B 98 -7.01 -16.90 19.50
CA ILE B 98 -6.67 -18.15 18.82
C ILE B 98 -5.48 -18.84 19.49
N LEU B 99 -4.46 -18.09 19.92
CA LEU B 99 -3.30 -18.75 20.53
C LEU B 99 -3.65 -19.32 21.90
N SER B 100 -4.57 -18.65 22.61
CA SER B 100 -5.04 -19.18 23.88
C SER B 100 -5.72 -20.53 23.70
N ILE B 101 -6.48 -20.69 22.61
CA ILE B 101 -7.18 -21.96 22.38
C ILE B 101 -6.18 -23.04 21.99
N PHE B 102 -5.13 -22.70 21.23
CA PHE B 102 -4.08 -23.70 21.02
C PHE B 102 -3.50 -24.17 22.36
N CYS B 103 -3.31 -23.26 23.33
CA CYS B 103 -2.72 -23.64 24.62
C CYS B 103 -3.63 -24.60 25.32
N ALA B 104 -4.95 -24.40 25.18
CA ALA B 104 -5.90 -25.33 25.78
C ALA B 104 -5.80 -26.68 25.11
N GLN B 105 -5.67 -26.70 23.78
CA GLN B 105 -5.53 -27.96 23.08
C GLN B 105 -4.26 -28.70 23.48
N ALA B 106 -3.19 -27.95 23.81
CA ALA B 106 -1.95 -28.57 24.27
C ALA B 106 -2.05 -29.13 25.68
N GLY B 107 -3.17 -28.92 26.37
CA GLY B 107 -3.36 -29.50 27.69
C GLY B 107 -3.27 -28.54 28.88
N ALA B 108 -3.09 -27.24 28.65
CA ALA B 108 -3.10 -26.28 29.74
C ALA B 108 -4.36 -26.42 30.56
N ARG B 109 -4.22 -26.36 31.89
CA ARG B 109 -5.41 -26.40 32.72
C ARG B 109 -6.11 -25.05 32.80
N ARG B 110 -5.43 -23.95 32.48
CA ARG B 110 -6.07 -22.64 32.54
C ARG B 110 -5.25 -21.67 31.71
N VAL B 111 -5.95 -20.80 30.97
CA VAL B 111 -5.31 -19.76 30.17
C VAL B 111 -5.97 -18.44 30.50
N TYR B 112 -5.15 -17.44 30.83
CA TYR B 112 -5.61 -16.08 31.10
C TYR B 112 -5.27 -15.30 29.85
N ALA B 113 -6.27 -14.85 29.13
CA ALA B 113 -6.07 -14.18 27.84
C ALA B 113 -6.31 -12.70 28.02
N VAL B 114 -5.24 -11.90 28.06
CA VAL B 114 -5.36 -10.48 28.38
C VAL B 114 -5.23 -9.68 27.10
N GLU B 115 -6.18 -8.77 26.86
CA GLU B 115 -6.21 -8.03 25.60
C GLU B 115 -6.68 -6.61 25.88
N ALA B 116 -5.89 -5.63 25.44
CA ALA B 116 -6.18 -4.26 25.79
C ALA B 116 -7.18 -3.57 24.88
N SER B 117 -7.29 -3.99 23.62
CA SER B 117 -8.18 -3.34 22.68
C SER B 117 -9.58 -3.96 22.74
N ALA B 118 -10.52 -3.34 22.01
CA ALA B 118 -11.90 -3.77 22.06
C ALA B 118 -12.11 -5.17 21.48
N ILE B 119 -11.15 -5.70 20.71
CA ILE B 119 -11.29 -7.05 20.21
C ILE B 119 -11.44 -8.08 21.33
N TRP B 120 -11.15 -7.72 22.58
CA TRP B 120 -11.33 -8.68 23.66
C TRP B 120 -12.76 -9.20 23.70
N GLN B 121 -13.71 -8.38 23.27
CA GLN B 121 -15.10 -8.83 23.21
C GLN B 121 -15.26 -9.99 22.23
N GLN B 122 -14.60 -9.89 21.07
CA GLN B 122 -14.68 -10.98 20.10
C GLN B 122 -13.98 -12.24 20.62
N ALA B 123 -12.85 -12.08 21.31
CA ALA B 123 -12.17 -13.25 21.86
C ALA B 123 -13.03 -13.98 22.87
N ARG B 124 -13.79 -13.23 23.68
CA ARG B 124 -14.66 -13.86 24.65
C ARG B 124 -15.73 -14.69 23.96
N GLU B 125 -16.28 -14.16 22.86
CA GLU B 125 -17.23 -14.89 22.04
C GLU B 125 -16.59 -16.14 21.47
N VAL B 126 -15.38 -16.02 20.92
CA VAL B 126 -14.72 -17.17 20.30
C VAL B 126 -14.49 -18.27 21.35
N VAL B 127 -14.10 -17.88 22.56
CA VAL B 127 -13.82 -18.88 23.59
C VAL B 127 -15.09 -19.62 23.93
N ARG B 128 -16.18 -18.87 24.14
CA ARG B 128 -17.50 -19.46 24.37
C ARG B 128 -17.91 -20.41 23.24
N LEU B 129 -17.78 -19.94 21.99
CA LEU B 129 -18.20 -20.75 20.85
C LEU B 129 -17.40 -22.05 20.77
N ASN B 130 -16.18 -22.05 21.28
CA ASN B 130 -15.36 -23.25 21.28
C ASN B 130 -15.49 -24.06 22.57
N GLY B 131 -16.38 -23.67 23.47
CA GLY B 131 -16.69 -24.47 24.63
C GLY B 131 -15.58 -24.48 25.67
N LEU B 132 -14.82 -23.39 25.77
CA LEU B 132 -13.66 -23.33 26.64
C LEU B 132 -13.79 -22.25 27.70
N GLU B 133 -15.00 -21.75 27.98
CA GLU B 133 -15.11 -20.72 29.00
C GLU B 133 -14.77 -21.25 30.39
N ASP B 134 -14.73 -22.57 30.60
CA ASP B 134 -14.36 -23.09 31.90
C ASP B 134 -12.88 -22.94 32.17
N ARG B 135 -12.04 -22.82 31.13
CA ARG B 135 -10.60 -22.78 31.36
C ARG B 135 -9.83 -21.76 30.54
N VAL B 136 -10.48 -20.96 29.71
CA VAL B 136 -9.83 -19.84 29.01
C VAL B 136 -10.61 -18.59 29.39
N HIS B 137 -9.95 -17.67 30.05
CA HIS B 137 -10.62 -16.50 30.64
C HIS B 137 -10.07 -15.26 29.98
N VAL B 138 -10.93 -14.54 29.27
CA VAL B 138 -10.53 -13.33 28.59
C VAL B 138 -10.68 -12.16 29.56
N LEU B 139 -9.59 -11.41 29.76
CA LEU B 139 -9.56 -10.28 30.68
C LEU B 139 -9.20 -9.02 29.91
N PRO B 140 -10.05 -8.01 29.90
CA PRO B 140 -9.74 -6.80 29.12
C PRO B 140 -8.72 -5.93 29.84
N GLY B 141 -8.09 -5.08 29.05
CA GLY B 141 -7.22 -4.08 29.61
C GLY B 141 -5.75 -4.40 29.39
N PRO B 142 -4.90 -3.44 29.76
CA PRO B 142 -3.45 -3.65 29.59
C PRO B 142 -2.93 -4.70 30.57
N VAL B 143 -1.99 -5.51 30.08
CA VAL B 143 -1.39 -6.53 30.93
C VAL B 143 -0.67 -5.89 32.13
N GLU B 144 -0.30 -4.60 32.00
CA GLU B 144 0.41 -3.92 33.08
C GLU B 144 -0.46 -3.63 34.30
N THR B 145 -1.80 -3.59 34.13
CA THR B 145 -2.72 -3.32 35.23
C THR B 145 -3.66 -4.48 35.53
N VAL B 146 -3.67 -5.52 34.70
CA VAL B 146 -4.61 -6.62 34.90
C VAL B 146 -4.28 -7.33 36.19
N GLU B 147 -5.31 -7.88 36.84
CA GLU B 147 -5.14 -8.64 38.06
C GLU B 147 -5.45 -10.09 37.74
N LEU B 148 -4.45 -10.92 37.77
CA LEU B 148 -4.69 -12.34 37.62
C LEU B 148 -4.86 -12.99 38.99
N PRO B 149 -5.57 -14.11 39.07
CA PRO B 149 -5.73 -14.77 40.37
C PRO B 149 -4.47 -15.45 40.85
N GLU B 150 -3.48 -15.63 40.00
CA GLU B 150 -2.30 -16.40 40.34
C GLU B 150 -1.18 -16.06 39.36
N ARG B 151 0.06 -16.29 39.79
CA ARG B 151 1.16 -16.33 38.84
C ARG B 151 1.04 -17.59 38.00
N VAL B 152 1.63 -17.54 36.81
CA VAL B 152 1.40 -18.56 35.79
C VAL B 152 2.68 -19.33 35.48
N ASP B 153 2.47 -20.54 34.94
CA ASP B 153 3.56 -21.42 34.56
C ASP B 153 4.19 -21.03 33.22
N ALA B 154 3.48 -20.26 32.40
CA ALA B 154 3.93 -20.02 31.04
C ALA B 154 3.32 -18.73 30.53
N ILE B 155 4.05 -18.07 29.63
CA ILE B 155 3.55 -16.92 28.90
C ILE B 155 3.65 -17.24 27.42
N VAL B 156 2.59 -16.94 26.67
CA VAL B 156 2.64 -17.01 25.21
C VAL B 156 2.36 -15.60 24.67
N SER B 157 3.06 -15.20 23.62
CA SER B 157 2.73 -13.90 23.06
C SER B 157 3.33 -13.80 21.67
N GLU B 158 2.61 -13.14 20.77
CA GLU B 158 3.12 -12.74 19.47
C GLU B 158 3.25 -11.22 19.54
N TRP B 159 4.48 -10.75 19.75
CA TRP B 159 4.75 -9.36 20.09
C TRP B 159 5.61 -8.63 19.07
N MET B 160 6.12 -9.34 18.07
CA MET B 160 7.17 -8.83 17.19
C MET B 160 6.61 -7.83 16.19
N GLY B 161 7.42 -6.80 15.90
CA GLY B 161 7.09 -5.83 14.88
C GLY B 161 8.07 -5.92 13.72
N TYR B 162 7.83 -5.05 12.73
CA TYR B 162 8.79 -4.96 11.64
C TYR B 162 10.17 -4.65 12.18
N GLY B 163 11.18 -5.26 11.58
CA GLY B 163 12.53 -5.12 12.11
C GLY B 163 12.64 -5.57 13.56
N LEU B 164 11.78 -6.51 13.97
CA LEU B 164 11.62 -7.03 15.32
C LEU B 164 11.03 -6.01 16.29
N LEU B 165 11.63 -4.83 16.38
CA LEU B 165 11.35 -3.92 17.47
C LEU B 165 10.59 -2.66 17.09
N HIS B 166 10.18 -2.50 15.83
CA HIS B 166 9.37 -1.33 15.48
C HIS B 166 7.96 -1.51 16.01
N GLU B 167 7.53 -0.62 16.90
CA GLU B 167 6.17 -0.64 17.43
C GLU B 167 5.81 -2.05 17.92
N SER B 168 6.74 -2.68 18.62
CA SER B 168 6.50 -4.02 19.14
C SER B 168 5.85 -3.93 20.52
N MET B 169 5.33 -5.05 21.01
CA MET B 169 4.83 -5.08 22.38
C MET B 169 5.79 -5.83 23.30
N LEU B 170 7.09 -5.85 22.96
CA LEU B 170 8.05 -6.53 23.81
C LEU B 170 8.02 -6.01 25.25
N SER B 171 7.91 -4.70 25.43
CA SER B 171 7.99 -4.15 26.79
C SER B 171 6.86 -4.69 27.66
N SER B 172 5.68 -4.88 27.08
CA SER B 172 4.54 -5.43 27.81
C SER B 172 4.75 -6.90 28.16
N VAL B 173 5.41 -7.65 27.27
CA VAL B 173 5.72 -9.04 27.57
C VAL B 173 6.73 -9.12 28.71
N LEU B 174 7.73 -8.24 28.69
CA LEU B 174 8.71 -8.27 29.78
C LEU B 174 8.07 -7.82 31.10
N HIS B 175 7.15 -6.87 31.05
CA HIS B 175 6.43 -6.47 32.25
C HIS B 175 5.65 -7.64 32.83
N ALA B 176 4.94 -8.36 31.96
CA ALA B 176 4.16 -9.51 32.42
C ALA B 176 5.07 -10.60 32.97
N ARG B 177 6.22 -10.83 32.33
CA ARG B 177 7.19 -11.82 32.83
C ARG B 177 7.57 -11.52 34.27
N THR B 178 8.01 -10.28 34.52
CA THR B 178 8.39 -9.88 35.86
C THR B 178 7.25 -10.08 36.84
N LYS B 179 6.04 -9.67 36.47
CA LYS B 179 4.96 -9.57 37.43
C LYS B 179 4.29 -10.92 37.65
N TRP B 180 4.11 -11.72 36.58
CA TRP B 180 3.17 -12.85 36.64
C TRP B 180 3.79 -14.20 36.34
N LEU B 181 4.97 -14.29 35.75
CA LEU B 181 5.52 -15.59 35.41
C LEU B 181 6.23 -16.19 36.60
N LYS B 182 5.84 -17.42 36.96
CA LYS B 182 6.53 -18.09 38.04
C LYS B 182 8.02 -18.21 37.75
N GLU B 183 8.86 -18.53 38.72
CA GLU B 183 10.34 -18.60 38.50
C GLU B 183 10.65 -19.64 37.39
N GLY B 184 11.46 -19.30 36.38
CA GLY B 184 11.88 -20.27 35.34
C GLY B 184 10.72 -20.74 34.47
N GLY B 185 9.61 -20.00 34.45
CA GLY B 185 8.41 -20.39 33.67
C GLY B 185 8.68 -20.49 32.17
N LEU B 186 7.80 -21.15 31.42
CA LEU B 186 7.97 -21.40 29.96
C LEU B 186 7.68 -20.08 29.26
N LEU B 187 8.46 -19.64 28.30
CA LEU B 187 8.19 -18.43 27.49
C LEU B 187 8.00 -18.92 26.06
N LEU B 188 6.86 -18.61 25.43
CA LEU B 188 6.57 -19.08 24.08
C LEU B 188 6.35 -17.89 23.15
N PRO B 189 7.35 -17.46 22.34
CA PRO B 189 8.71 -17.98 22.23
C PRO B 189 9.57 -17.44 23.35
N ALA B 190 10.78 -17.99 23.48
CA ALA B 190 11.64 -17.69 24.60
C ALA B 190 12.78 -16.75 24.25
N SER B 191 13.08 -16.58 22.97
CA SER B 191 14.22 -15.79 22.56
C SER B 191 13.99 -15.32 21.13
N ALA B 192 14.68 -14.22 20.78
CA ALA B 192 14.68 -13.65 19.44
C ALA B 192 16.14 -13.51 19.04
N GLU B 193 16.43 -13.89 17.79
CA GLU B 193 17.77 -13.78 17.23
C GLU B 193 17.70 -12.83 16.04
N LEU B 194 18.67 -11.93 15.95
CA LEU B 194 18.71 -10.95 14.87
C LEU B 194 19.84 -11.28 13.90
N PHE B 195 19.53 -11.18 12.61
CA PHE B 195 20.46 -11.54 11.53
C PHE B 195 20.62 -10.40 10.54
N VAL B 196 21.81 -10.34 9.95
CA VAL B 196 22.10 -9.40 8.87
C VAL B 196 22.80 -10.12 7.74
N ALA B 197 22.51 -9.68 6.51
CA ALA B 197 23.30 -10.10 5.35
C ALA B 197 23.42 -8.95 4.36
N PRO B 198 24.57 -8.79 3.71
CA PRO B 198 24.60 -7.87 2.58
C PRO B 198 23.71 -8.40 1.46
N ILE B 199 23.13 -7.49 0.67
CA ILE B 199 22.19 -7.86 -0.37
C ILE B 199 22.48 -7.16 -1.69
N SER B 200 22.14 -7.84 -2.78
CA SER B 200 21.94 -7.23 -4.10
C SER B 200 20.46 -7.44 -4.45
N ASP B 201 19.66 -6.39 -4.32
CA ASP B 201 18.20 -6.48 -4.40
C ASP B 201 17.76 -6.48 -5.86
N GLN B 202 17.26 -7.63 -6.33
CA GLN B 202 16.90 -7.76 -7.74
C GLN B 202 15.78 -6.81 -8.12
N MET B 203 14.83 -6.58 -7.23
CA MET B 203 13.72 -5.69 -7.54
C MET B 203 14.19 -4.25 -7.67
N LEU B 204 15.06 -3.81 -6.75
CA LEU B 204 15.68 -2.49 -6.87
C LEU B 204 16.40 -2.33 -8.20
N GLU B 205 17.22 -3.31 -8.57
CA GLU B 205 17.91 -3.25 -9.84
C GLU B 205 16.93 -3.08 -10.99
N TRP B 206 15.83 -3.84 -10.97
CA TRP B 206 14.80 -3.68 -12.00
C TRP B 206 14.25 -2.26 -12.03
N ARG B 207 13.97 -1.69 -10.86
CA ARG B 207 13.42 -0.34 -10.79
C ARG B 207 14.41 0.70 -11.28
N LEU B 208 15.68 0.54 -10.93
CA LEU B 208 16.69 1.47 -11.41
C LEU B 208 16.85 1.36 -12.92
N GLY B 209 16.77 0.15 -13.47
CA GLY B 209 16.93 -0.06 -14.89
C GLY B 209 15.68 0.14 -15.71
N PHE B 210 14.56 0.41 -15.05
CA PHE B 210 13.30 0.72 -15.75
C PHE B 210 13.48 1.81 -16.80
N TRP B 211 14.18 2.88 -16.44
CA TRP B 211 14.21 4.06 -17.28
C TRP B 211 14.96 3.82 -18.57
N SER B 212 15.89 2.87 -18.58
CA SER B 212 16.58 2.51 -19.80
C SER B 212 15.76 1.62 -20.71
N GLN B 213 14.61 1.13 -20.26
CA GLN B 213 13.76 0.29 -21.10
C GLN B 213 12.58 1.07 -21.69
N VAL B 214 12.38 2.32 -21.30
CA VAL B 214 11.29 3.11 -21.89
C VAL B 214 11.48 3.28 -23.39
N LYS B 215 12.73 3.47 -23.86
CA LYS B 215 12.93 3.64 -25.30
C LYS B 215 12.35 2.45 -26.07
N GLN B 216 12.45 1.26 -25.49
CA GLN B 216 11.95 0.06 -26.14
C GLN B 216 10.43 -0.03 -26.05
N HIS B 217 9.84 0.44 -24.94
CA HIS B 217 8.39 0.35 -24.79
C HIS B 217 7.65 1.41 -25.60
N TYR B 218 8.21 2.61 -25.70
CA TYR B 218 7.43 3.75 -26.21
C TYR B 218 8.20 4.64 -27.19
N GLY B 219 9.46 4.32 -27.48
CA GLY B 219 10.21 5.10 -28.44
C GLY B 219 10.70 6.43 -27.93
N VAL B 220 10.81 6.58 -26.61
CA VAL B 220 11.34 7.79 -25.98
C VAL B 220 12.47 7.36 -25.06
N ASP B 221 13.66 7.93 -25.27
CA ASP B 221 14.80 7.59 -24.42
C ASP B 221 14.71 8.31 -23.09
N MET B 222 14.76 7.55 -21.99
CA MET B 222 14.76 8.14 -20.64
C MET B 222 15.91 7.58 -19.81
N SER B 223 16.97 7.07 -20.44
CA SER B 223 18.04 6.46 -19.66
C SER B 223 18.63 7.46 -18.67
N CYS B 224 18.55 8.75 -18.98
CA CYS B 224 19.17 9.74 -18.12
C CYS B 224 18.56 9.76 -16.72
N MET B 225 17.39 9.14 -16.53
CA MET B 225 16.74 9.16 -15.22
C MET B 225 17.29 8.17 -14.23
N GLU B 226 18.27 7.34 -14.62
CA GLU B 226 18.77 6.33 -13.70
C GLU B 226 19.44 6.96 -12.48
N SER B 227 20.24 8.01 -12.69
CA SER B 227 20.89 8.67 -11.57
C SER B 227 19.86 9.20 -10.59
N PHE B 228 18.86 9.90 -11.10
CA PHE B 228 17.77 10.39 -10.27
C PHE B 228 17.04 9.27 -9.57
N ALA B 229 16.72 8.18 -10.29
CA ALA B 229 16.04 7.07 -9.63
C ALA B 229 16.90 6.53 -8.50
N THR B 230 18.21 6.45 -8.71
CA THR B 230 19.08 5.93 -7.67
C THR B 230 19.06 6.84 -6.44
N ARG B 231 19.17 8.15 -6.66
CA ARG B 231 19.09 9.06 -5.52
C ARG B 231 17.78 8.87 -4.76
N CYS B 232 16.67 8.75 -5.48
CA CYS B 232 15.39 8.66 -4.80
C CYS B 232 15.27 7.35 -4.03
N LEU B 233 15.69 6.25 -4.63
CA LEU B 233 15.35 4.94 -4.07
C LEU B 233 16.42 4.45 -3.10
N MET B 234 17.63 4.98 -3.15
CA MET B 234 18.68 4.56 -2.22
C MET B 234 19.21 5.67 -1.33
N GLY B 235 19.10 6.94 -1.73
CA GLY B 235 19.76 8.02 -1.03
C GLY B 235 19.03 8.57 0.16
N HIS B 236 17.86 8.04 0.46
CA HIS B 236 17.11 8.39 1.65
C HIS B 236 17.68 7.63 2.85
N SER B 237 17.18 7.96 4.02
CA SER B 237 17.58 7.29 5.25
C SER B 237 16.41 6.59 5.93
N GLU B 238 15.54 6.00 5.13
CA GLU B 238 14.41 5.23 5.66
C GLU B 238 14.75 3.75 5.65
N ILE B 239 14.25 3.04 6.67
CA ILE B 239 14.21 1.60 6.61
C ILE B 239 13.10 1.19 5.66
N VAL B 240 13.41 0.28 4.72
CA VAL B 240 12.45 -0.16 3.72
C VAL B 240 12.02 -1.58 4.08
N VAL B 241 10.72 -1.79 4.21
CA VAL B 241 10.19 -3.11 4.50
C VAL B 241 9.80 -3.74 3.17
N GLN B 242 10.51 -4.80 2.79
CA GLN B 242 10.33 -5.43 1.51
C GLN B 242 10.74 -6.89 1.57
N ASP B 243 10.05 -7.69 0.76
CA ASP B 243 10.29 -9.12 0.64
C ASP B 243 11.47 -9.33 -0.30
N LEU B 244 12.52 -9.95 0.21
CA LEU B 244 13.67 -10.35 -0.58
C LEU B 244 13.66 -11.84 -0.86
N SER B 245 14.41 -12.20 -1.89
CA SER B 245 14.61 -13.57 -2.33
C SER B 245 15.97 -14.08 -1.85
N GLY B 246 16.09 -15.40 -1.77
CA GLY B 246 17.39 -15.99 -1.50
C GLY B 246 18.43 -15.57 -2.51
N GLU B 247 18.02 -15.33 -3.75
CA GLU B 247 18.95 -14.83 -4.76
C GLU B 247 19.60 -13.53 -4.34
N ASP B 248 18.92 -12.74 -3.51
CA ASP B 248 19.36 -11.40 -3.15
C ASP B 248 20.47 -11.39 -2.10
N VAL B 249 20.72 -12.51 -1.44
CA VAL B 249 21.64 -12.58 -0.31
C VAL B 249 23.05 -12.80 -0.84
N LEU B 250 23.95 -11.87 -0.51
CA LEU B 250 25.29 -11.87 -1.08
C LEU B 250 26.36 -12.52 -0.22
N ALA B 251 26.07 -12.84 1.04
CA ALA B 251 27.02 -13.54 1.89
C ALA B 251 26.27 -14.28 2.98
N ARG B 252 26.97 -15.22 3.61
CA ARG B 252 26.36 -16.00 4.68
C ARG B 252 25.74 -15.06 5.70
N PRO B 253 24.47 -15.25 6.06
CA PRO B 253 23.87 -14.42 7.10
C PRO B 253 24.60 -14.55 8.43
N GLN B 254 24.65 -13.43 9.16
CA GLN B 254 25.37 -13.36 10.42
C GLN B 254 24.40 -13.01 11.54
N ARG B 255 24.40 -13.82 12.58
CA ARG B 255 23.65 -13.49 13.78
C ARG B 255 24.43 -12.40 14.50
N PHE B 256 23.79 -11.26 14.76
CA PHE B 256 24.51 -10.17 15.40
C PHE B 256 23.95 -9.79 16.76
N ALA B 257 22.81 -10.34 17.16
CA ALA B 257 22.31 -10.10 18.51
C ALA B 257 21.30 -11.18 18.85
N GLN B 258 21.08 -11.33 20.15
CA GLN B 258 20.14 -12.28 20.70
C GLN B 258 19.40 -11.63 21.85
N LEU B 259 18.12 -11.94 22.00
CA LEU B 259 17.29 -11.39 23.07
C LEU B 259 16.69 -12.56 23.86
N GLU B 260 17.03 -12.62 25.15
CA GLU B 260 16.58 -13.68 26.04
C GLU B 260 15.46 -13.09 26.88
N LEU B 261 14.22 -13.51 26.60
CA LEU B 261 13.06 -12.84 27.13
C LEU B 261 12.87 -13.07 28.62
N ALA B 262 13.53 -14.07 29.19
CA ALA B 262 13.40 -14.28 30.63
C ALA B 262 14.22 -13.29 31.46
N ARG B 263 15.08 -12.51 30.82
CA ARG B 263 16.06 -11.75 31.57
C ARG B 263 15.40 -10.54 32.21
N ALA B 264 15.52 -10.44 33.53
CA ALA B 264 15.28 -9.20 34.23
C ALA B 264 16.36 -8.23 33.78
N GLY B 265 15.96 -7.05 33.38
CA GLY B 265 16.90 -6.07 32.91
C GLY B 265 16.95 -5.93 31.40
N LEU B 266 16.45 -6.93 30.66
CA LEU B 266 16.35 -6.74 29.22
C LEU B 266 15.63 -5.45 28.89
N GLU B 267 14.60 -5.11 29.67
CA GLU B 267 13.79 -3.94 29.35
C GLU B 267 14.64 -2.68 29.30
N GLN B 268 15.40 -2.39 30.37
CA GLN B 268 16.27 -1.22 30.36
C GLN B 268 17.39 -1.36 29.34
N GLU B 269 17.75 -2.58 28.98
CA GLU B 269 18.79 -2.79 27.96
C GLU B 269 18.35 -2.27 26.60
N LEU B 270 17.05 -2.34 26.29
CA LEU B 270 16.60 -1.98 24.95
C LEU B 270 16.84 -0.51 24.64
N GLU B 271 16.76 0.37 25.65
CA GLU B 271 16.90 1.79 25.41
C GLU B 271 18.28 2.13 24.85
N ALA B 272 19.32 1.49 25.37
CA ALA B 272 20.67 1.77 24.89
C ALA B 272 20.93 1.18 23.51
N GLY B 273 20.07 0.29 23.04
CA GLY B 273 20.24 -0.33 21.75
C GLY B 273 20.53 -1.82 21.86
N VAL B 274 20.06 -2.56 20.86
CA VAL B 274 20.30 -3.98 20.69
C VAL B 274 21.05 -4.17 19.38
N GLY B 275 22.19 -4.86 19.43
CA GLY B 275 22.95 -5.04 18.21
C GLY B 275 24.35 -5.55 18.47
N GLY B 276 25.19 -5.41 17.46
CA GLY B 276 26.54 -5.92 17.58
C GLY B 276 27.25 -5.97 16.25
N ARG B 277 28.48 -6.45 16.31
CA ARG B 277 29.33 -6.46 15.14
C ARG B 277 28.99 -7.62 14.22
N PHE B 278 29.47 -7.51 12.98
CA PHE B 278 29.37 -8.61 12.03
C PHE B 278 30.53 -8.53 11.06
N ARG B 279 30.73 -9.64 10.36
CA ARG B 279 31.81 -9.80 9.38
C ARG B 279 31.36 -10.91 8.45
N CYS B 280 31.55 -10.73 7.14
CA CYS B 280 31.19 -11.78 6.21
C CYS B 280 32.02 -11.61 4.95
N SER B 281 31.97 -12.63 4.08
CA SER B 281 32.68 -12.62 2.80
C SER B 281 31.68 -12.88 1.68
N CYS B 282 31.74 -12.07 0.64
CA CYS B 282 30.75 -12.11 -0.42
C CYS B 282 30.88 -13.38 -1.25
N TYR B 283 29.72 -13.82 -1.76
CA TYR B 283 29.64 -15.04 -2.56
C TYR B 283 30.26 -14.85 -3.94
N GLY B 284 29.97 -13.71 -4.58
CA GLY B 284 30.46 -13.47 -5.92
C GLY B 284 30.33 -12.02 -6.30
N SER B 285 30.47 -11.77 -7.60
CA SER B 285 30.36 -10.43 -8.14
C SER B 285 28.89 -10.01 -8.22
N ALA B 286 28.62 -8.80 -7.81
CA ALA B 286 27.27 -8.26 -7.80
C ALA B 286 27.35 -6.81 -7.33
N PRO B 287 26.36 -5.97 -7.61
CA PRO B 287 26.30 -4.65 -6.97
C PRO B 287 25.73 -4.79 -5.56
N LEU B 288 26.49 -4.34 -4.57
CA LEU B 288 26.01 -4.28 -3.19
C LEU B 288 25.08 -3.09 -3.04
N HIS B 289 23.85 -3.32 -2.60
CA HIS B 289 22.90 -2.25 -2.37
C HIS B 289 22.76 -1.89 -0.90
N GLY B 290 23.26 -2.73 -0.01
CA GLY B 290 23.10 -2.51 1.41
C GLY B 290 22.93 -3.85 2.12
N PHE B 291 22.11 -3.80 3.17
CA PHE B 291 21.99 -4.91 4.09
C PHE B 291 20.52 -5.17 4.37
N ALA B 292 20.19 -6.44 4.56
CA ALA B 292 18.89 -6.84 5.09
C ALA B 292 19.07 -7.29 6.54
N VAL B 293 18.13 -6.89 7.38
CA VAL B 293 18.05 -7.31 8.77
C VAL B 293 16.75 -8.10 8.92
N TRP B 294 16.83 -9.22 9.61
CA TRP B 294 15.64 -9.96 9.93
C TRP B 294 15.81 -10.67 11.25
N PHE B 295 14.75 -11.37 11.66
CA PHE B 295 14.78 -11.99 12.96
C PHE B 295 14.17 -13.37 12.89
N GLN B 296 14.45 -14.13 13.93
CA GLN B 296 13.74 -15.36 14.21
C GLN B 296 13.41 -15.40 15.69
N VAL B 297 12.37 -16.16 16.04
CA VAL B 297 12.08 -16.41 17.44
C VAL B 297 12.10 -17.91 17.64
N THR B 298 12.55 -18.33 18.82
CA THR B 298 12.76 -19.74 19.13
C THR B 298 11.85 -20.13 20.27
N PHE B 299 11.10 -21.22 20.07
CA PHE B 299 10.27 -21.78 21.12
C PHE B 299 11.05 -22.85 21.87
N PRO B 300 10.80 -23.03 23.16
CA PRO B 300 11.41 -24.17 23.86
C PRO B 300 10.96 -25.49 23.25
N GLY B 301 11.83 -26.49 23.34
CA GLY B 301 11.58 -27.78 22.72
C GLY B 301 11.06 -28.85 23.66
N LEU B 308 11.70 -25.41 18.00
CA LEU B 308 10.94 -24.88 16.87
C LEU B 308 11.28 -23.42 16.70
N VAL B 309 11.46 -22.97 15.45
CA VAL B 309 11.90 -21.61 15.11
C VAL B 309 10.95 -21.02 14.08
N LEU B 310 10.47 -19.79 14.33
CA LEU B 310 9.74 -18.99 13.36
C LEU B 310 10.74 -17.99 12.78
N SER B 311 11.12 -18.20 11.52
CA SER B 311 12.12 -17.36 10.86
C SER B 311 11.45 -16.38 9.92
N THR B 312 12.03 -15.18 9.79
CA THR B 312 11.66 -14.24 8.74
C THR B 312 12.80 -14.02 7.75
N SER B 313 13.71 -14.98 7.63
CA SER B 313 14.82 -14.88 6.69
C SER B 313 14.33 -14.88 5.24
N PRO B 314 15.01 -14.14 4.35
CA PRO B 314 14.68 -14.26 2.93
C PRO B 314 14.93 -15.65 2.39
N LEU B 315 15.72 -16.48 3.08
CA LEU B 315 15.98 -17.85 2.66
C LEU B 315 14.86 -18.80 3.06
N HIS B 316 13.91 -18.35 3.86
CA HIS B 316 12.83 -19.19 4.39
C HIS B 316 11.51 -18.68 3.87
N PRO B 317 10.42 -19.43 4.03
CA PRO B 317 9.13 -18.99 3.46
C PRO B 317 8.73 -17.60 3.95
N ALA B 318 8.10 -16.84 3.05
CA ALA B 318 7.81 -15.44 3.33
C ALA B 318 6.79 -15.32 4.45
N THR B 319 6.92 -14.23 5.22
CA THR B 319 5.99 -13.85 6.27
C THR B 319 5.59 -12.40 6.06
N HIS B 320 4.61 -11.95 6.84
CA HIS B 320 4.15 -10.57 6.68
C HIS B 320 5.16 -9.56 7.20
N TRP B 321 6.13 -10.00 7.98
CA TRP B 321 7.18 -9.09 8.43
C TRP B 321 8.18 -8.78 7.34
N LYS B 322 8.26 -9.61 6.31
CA LYS B 322 9.21 -9.40 5.20
C LYS B 322 10.62 -9.28 5.80
N GLN B 323 11.43 -8.34 5.33
CA GLN B 323 12.72 -8.03 5.93
C GLN B 323 12.88 -6.53 6.00
N ALA B 324 13.82 -6.07 6.81
CA ALA B 324 14.11 -4.64 6.91
C ALA B 324 15.36 -4.33 6.09
N LEU B 325 15.21 -3.50 5.07
CA LEU B 325 16.28 -3.27 4.12
C LEU B 325 16.93 -1.91 4.39
N LEU B 326 18.26 -1.91 4.44
CA LEU B 326 19.13 -0.78 4.76
C LEU B 326 19.95 -0.48 3.51
N TYR B 327 19.49 0.43 2.67
CA TYR B 327 20.19 0.72 1.43
C TYR B 327 21.33 1.71 1.64
N LEU B 328 22.46 1.45 0.98
CA LEU B 328 23.54 2.42 0.88
C LEU B 328 23.09 3.56 -0.02
N ASN B 329 23.85 4.66 0.00
CA ASN B 329 23.48 5.81 -0.82
C ASN B 329 23.55 5.50 -2.30
N GLU B 330 24.45 4.59 -2.68
CA GLU B 330 24.53 4.15 -4.06
C GLU B 330 25.14 2.76 -4.09
N PRO B 331 24.90 2.00 -5.16
CA PRO B 331 25.50 0.66 -5.27
C PRO B 331 27.02 0.71 -5.15
N VAL B 332 27.58 -0.35 -4.58
CA VAL B 332 29.02 -0.51 -4.45
C VAL B 332 29.40 -1.84 -5.10
N PRO B 333 30.35 -1.86 -6.04
CA PRO B 333 30.74 -3.15 -6.64
C PRO B 333 31.49 -4.01 -5.64
N VAL B 334 31.09 -5.27 -5.54
CA VAL B 334 31.83 -6.27 -4.78
C VAL B 334 32.09 -7.46 -5.68
N GLU B 335 33.17 -8.17 -5.38
CA GLU B 335 33.53 -9.40 -6.07
C GLU B 335 33.56 -10.54 -5.06
N GLN B 336 33.66 -11.76 -5.59
CA GLN B 336 33.77 -12.92 -4.72
C GLN B 336 34.84 -12.72 -3.67
N ASP B 337 34.53 -13.09 -2.44
CA ASP B 337 35.41 -13.04 -1.28
C ASP B 337 35.70 -11.63 -0.80
N THR B 338 35.01 -10.61 -1.34
CA THR B 338 35.10 -9.28 -0.75
C THR B 338 34.65 -9.33 0.70
N ASP B 339 35.50 -8.85 1.61
CA ASP B 339 35.17 -8.87 3.02
C ASP B 339 34.36 -7.64 3.39
N ILE B 340 33.32 -7.84 4.19
CA ILE B 340 32.44 -6.78 4.64
C ILE B 340 32.26 -6.93 6.14
N SER B 341 32.58 -5.89 6.89
CA SER B 341 32.42 -5.87 8.33
C SER B 341 31.61 -4.64 8.73
N GLY B 342 31.10 -4.68 9.96
CA GLY B 342 30.40 -3.50 10.47
C GLY B 342 29.75 -3.78 11.80
N GLU B 343 28.77 -2.94 12.11
CA GLU B 343 28.00 -3.05 13.33
C GLU B 343 26.61 -2.54 13.04
N ILE B 344 25.61 -3.16 13.65
CA ILE B 344 24.23 -2.75 13.49
C ILE B 344 23.63 -2.62 14.88
N THR B 345 22.95 -1.51 15.14
CA THR B 345 22.28 -1.30 16.41
C THR B 345 20.83 -0.93 16.14
N LEU B 346 19.92 -1.66 16.78
CA LEU B 346 18.50 -1.32 16.80
C LEU B 346 18.22 -0.46 18.02
N LEU B 347 17.63 0.72 17.80
CA LEU B 347 17.51 1.76 18.79
C LEU B 347 16.11 2.35 18.79
N PRO B 348 15.65 2.89 19.91
CA PRO B 348 14.41 3.69 19.87
C PRO B 348 14.69 5.04 19.23
N SER B 349 13.68 5.56 18.52
CA SER B 349 13.82 6.90 17.95
C SER B 349 13.70 7.95 19.04
N PRO B 350 14.33 9.12 18.86
CA PRO B 350 14.28 10.14 19.93
C PRO B 350 12.88 10.67 20.20
N ASP B 351 12.09 10.89 19.14
CA ASP B 351 10.79 11.51 19.33
C ASP B 351 9.73 10.51 19.77
N ASN B 352 9.81 9.27 19.30
CA ASN B 352 8.91 8.23 19.82
C ASN B 352 9.66 6.92 20.01
N PRO B 353 9.74 6.42 21.25
CA PRO B 353 10.51 5.20 21.50
C PRO B 353 9.88 3.93 20.94
N ARG B 354 8.66 3.98 20.41
CA ARG B 354 8.11 2.86 19.68
C ARG B 354 8.70 2.74 18.29
N ARG B 355 9.16 3.86 17.73
CA ARG B 355 9.64 3.91 16.35
C ARG B 355 11.07 3.40 16.29
N LEU B 356 11.33 2.50 15.34
CA LEU B 356 12.64 1.89 15.23
C LEU B 356 13.62 2.77 14.47
N ARG B 357 14.84 2.81 14.98
CA ARG B 357 15.98 3.48 14.37
C ARG B 357 17.06 2.42 14.28
N ILE B 358 17.76 2.36 13.15
CA ILE B 358 18.88 1.44 13.01
C ILE B 358 20.11 2.25 12.63
N LEU B 359 21.16 2.16 13.45
CA LEU B 359 22.43 2.79 13.14
C LEU B 359 23.32 1.74 12.50
N LEU B 360 23.83 2.05 11.31
CA LEU B 360 24.67 1.13 10.55
C LEU B 360 26.08 1.70 10.41
N ARG B 361 27.08 0.90 10.79
CA ARG B 361 28.49 1.18 10.53
C ARG B 361 28.97 0.05 9.63
N TYR B 362 29.64 0.42 8.53
CA TYR B 362 30.04 -0.65 7.62
C TYR B 362 31.33 -0.30 6.89
N LYS B 363 32.06 -1.36 6.54
CA LYS B 363 33.32 -1.25 5.79
C LYS B 363 33.30 -2.31 4.71
N VAL B 364 33.44 -1.88 3.46
CA VAL B 364 33.42 -2.79 2.31
C VAL B 364 34.85 -2.90 1.81
N GLY B 365 35.43 -4.08 1.98
CA GLY B 365 36.79 -4.30 1.51
C GLY B 365 37.76 -3.32 2.14
N ASP B 366 38.62 -2.75 1.29
CA ASP B 366 39.62 -1.78 1.75
C ASP B 366 39.04 -0.41 2.02
N HIS B 367 37.83 -0.13 1.53
CA HIS B 367 37.34 1.24 1.58
C HIS B 367 37.16 1.73 3.01
N GLU B 368 37.08 3.04 3.15
CA GLU B 368 36.92 3.65 4.45
C GLU B 368 35.61 3.18 5.08
N GLU B 369 35.62 3.06 6.40
CA GLU B 369 34.39 2.80 7.14
C GLU B 369 33.41 3.95 6.97
N LYS B 370 32.15 3.60 6.75
CA LYS B 370 31.08 4.56 6.61
C LYS B 370 29.96 4.23 7.58
N THR B 371 29.03 5.18 7.72
CA THR B 371 27.89 5.01 8.60
C THR B 371 26.65 5.58 7.91
N LYS B 372 25.51 4.97 8.22
CA LYS B 372 24.22 5.49 7.79
C LYS B 372 23.22 5.25 8.91
N ASP B 373 22.35 6.24 9.13
CA ASP B 373 21.45 6.29 10.28
C ASP B 373 20.03 6.23 9.73
N PHE B 374 19.33 5.11 9.96
CA PHE B 374 18.05 4.87 9.33
C PHE B 374 16.91 4.98 10.35
N ALA B 375 15.72 5.32 9.85
CA ALA B 375 14.52 5.29 10.67
C ALA B 375 13.36 4.68 9.89
N MET B 376 12.49 3.96 10.61
CA MET B 376 11.28 3.40 10.03
C MET B 376 10.35 4.47 9.49
#